data_7R1Y
#
_entry.id   7R1Y
#
_cell.length_a   1.00
_cell.length_b   1.00
_cell.length_c   1.00
_cell.angle_alpha   90.00
_cell.angle_beta   90.00
_cell.angle_gamma   90.00
#
_symmetry.space_group_name_H-M   'P 1'
#
_entity_poly.entity_id   1
_entity_poly.type   'polypeptide(L)'
_entity_poly.pdbx_seq_one_letter_code
;GPPSSLLGAAMPASTSAAALQEALENAGRLIDRQLQEDRMYPDLSELLMVSAPNNPTVSGMSDMDYPLQGPGLLSVPNLP
EISSIRRVPLPPELVEQFGHMQCNCMMGVFPPISRAWLTIDSDIFMWNYEDGGDLAYFDGLSETILAVGLVKPKAGIFQP
HVRHLLVLATPVDIVILGLSYANLQTGSGVLNDSLSGGMQLLPDPLYSLPTDNTYLLTITSTDNGRIFLAGKDGCLYEVA
YQAEAGWFSQRCRKINHSKSSEDDPILQIAIDNSRNILYTRSEKGVIQVYDLGQDGQGMSRVASVSQNAIVSAAGNIART
IDRSVFKPIVQIAVIENSESLDCQLLAVTHAGVRLYFSTCPFRQPLARPNTLTLVHVRLPPGFSASSTVEKPSKVHRALY
SKGILLMAASENEDNDILWCVNHDTFPFQKPMMETQMTAGVDGHSWALSAIDELKVDKIITPLNKDHIPITDSPVVVQQH
MLPPKKFVLLSAQGSLMFHKLRPVDQLRHLLVSNVGGDGEEIERFFKLHQEDQACATCLILACSTAACDREVSAWATRAF
FRYGGEAQMRFPTTLPPPSNVGPILGSPVYSSSPVPSGSPYPNPSFLGTPSHGIQPPAMSTPVCALGNPATQATNMSCVT
GPEIVYSGKHNGICIYFSRIMGNIWDASLVVERIFKSGNREITAIESSVPCQLLESVLQELKGLQEFLDRNSQFAGGPLG
NPNTTAKVQQRLIGFMRPENGNPQQMQQELQRKFHEAQLSEKISLQAIQQLVRKSYQALALWKLLCEHQFTIIVAELQKE
LQEQLKITTFKDLVIRDKELTGALIASLINCYIRDNAAVDGISLHLQDICPLLYSTDDAICSKANELLQRSRQVQNKTEK
ERMLRESLKEYQKISNQVDLSNVCAQYRQVRFYEGVVELSLTAAEKKDPQGLGLHFYKHGEPEEDIVGLQAFQERLNSYK
CITDTLQELVNQSKAAPQSPSVPKKPGPPVLSSDPNMLSNEEAGHHFEQMLKLSQRSKDELFSIALYNWLIQVDLADKLL
QVASPFLEPHLVRMAKVDQNRVRYMDLLWRYYEKNRSFSNAARVLSRLADMHSTEISLQQRLEYIARAILSAKSSTAISS
IAADGEFLHELEEKMEVARIQLQIQETLQRQYSHHSSVQDAVSQLDSELMDITKLYGEFADPFKLAECKLAIIHCAGYSD
PILVQTLWQDIIEKELSDSVTLSSSDRMHALSLKIVLLGKIYAGTPRFFPLDFIVQFLEQQVCTLNWDVGFVIQTMNEIG
VPLPRLLEVYDQLFKSRDPFWNRMKKPLHLLDCIHVLLIRYVENPSQVLNCERRRFTNLCLDAVCGYLVELQSMSSSVAV
QAITGNFKSLQAKLERLHSAWSHPQFEK
;
_entity_poly.pdbx_strand_id   A
#
# COMPACT_ATOMS: atom_id res chain seq x y z
N LEU A 20 10.98 34.70 3.42
CA LEU A 20 11.04 33.52 2.56
C LEU A 20 9.93 32.55 2.89
N GLN A 21 8.99 32.98 3.74
CA GLN A 21 7.86 32.13 4.07
C GLN A 21 6.94 31.95 2.87
N GLU A 22 6.92 32.93 1.96
CA GLU A 22 6.14 32.81 0.73
C GLU A 22 6.69 31.69 -0.16
N ALA A 23 8.02 31.59 -0.25
CA ALA A 23 8.62 30.51 -1.03
C ALA A 23 8.31 29.15 -0.42
N LEU A 24 8.34 29.06 0.92
CA LEU A 24 7.90 27.84 1.58
C LEU A 24 6.42 27.58 1.36
N GLU A 25 5.61 28.64 1.40
CA GLU A 25 4.17 28.49 1.17
C GLU A 25 3.88 28.10 -0.27
N ASN A 26 4.64 28.65 -1.22
CA ASN A 26 4.40 28.37 -2.63
C ASN A 26 4.64 26.90 -2.97
N ALA A 27 5.70 26.32 -2.40
CA ALA A 27 6.00 24.91 -2.66
C ALA A 27 4.93 24.00 -2.07
N GLY A 28 4.19 24.50 -1.08
CA GLY A 28 3.10 23.71 -0.52
C GLY A 28 1.99 23.43 -1.51
N ARG A 29 1.68 24.40 -2.38
CA ARG A 29 0.71 24.15 -3.44
C ARG A 29 1.30 23.25 -4.52
N LEU A 30 2.62 23.33 -4.73
CA LEU A 30 3.27 22.43 -5.67
C LEU A 30 3.19 20.98 -5.18
N ILE A 31 3.37 20.76 -3.89
CA ILE A 31 3.23 19.40 -3.34
C ILE A 31 1.77 18.97 -3.38
N ASP A 32 0.85 19.87 -3.06
CA ASP A 32 -0.57 19.53 -3.10
C ASP A 32 -1.04 19.26 -4.52
N ARG A 33 -0.41 19.92 -5.50
CA ARG A 33 -0.76 19.67 -6.90
C ARG A 33 -0.42 18.24 -7.31
N GLN A 34 0.82 17.82 -7.04
CA GLN A 34 1.23 16.47 -7.39
C GLN A 34 0.60 15.41 -6.50
N LEU A 35 0.21 15.78 -5.27
CA LEU A 35 -0.51 14.84 -4.42
C LEU A 35 -1.95 14.65 -4.90
N GLN A 36 -2.60 15.72 -5.33
CA GLN A 36 -3.94 15.59 -5.88
C GLN A 36 -3.91 14.97 -7.27
N GLU A 37 -2.82 15.18 -8.02
CA GLU A 37 -2.69 14.56 -9.33
C GLU A 37 -2.66 13.03 -9.22
N ASP A 38 -1.93 12.51 -8.23
CA ASP A 38 -1.93 11.09 -7.93
C ASP A 38 -3.02 10.71 -6.94
N ARG A 39 -4.03 11.56 -6.75
CA ARG A 39 -5.18 11.23 -5.93
C ARG A 39 -6.41 10.87 -6.74
N MET A 40 -6.54 11.41 -7.95
CA MET A 40 -7.65 11.10 -8.84
C MET A 40 -7.10 10.35 -10.05
N TYR A 41 -7.40 9.06 -10.12
CA TYR A 41 -7.01 8.21 -11.22
C TYR A 41 -8.24 7.46 -11.74
N PRO A 42 -8.27 7.16 -13.04
CA PRO A 42 -9.45 6.51 -13.61
C PRO A 42 -9.70 5.13 -13.00
N ASP A 43 -10.97 4.83 -12.78
CA ASP A 43 -11.39 3.51 -12.34
C ASP A 43 -11.38 2.55 -13.53
N LEU A 44 -11.52 1.25 -13.23
CA LEU A 44 -11.51 0.25 -14.28
C LEU A 44 -12.64 0.49 -15.28
N SER A 45 -13.84 0.82 -14.78
CA SER A 45 -14.93 1.18 -15.68
C SER A 45 -14.59 2.43 -16.48
N GLU A 46 -13.97 3.42 -15.82
CA GLU A 46 -13.52 4.61 -16.55
C GLU A 46 -12.41 4.26 -17.55
N LEU A 47 -11.51 3.36 -17.17
CA LEU A 47 -10.45 2.92 -18.07
C LEU A 47 -11.02 2.25 -19.31
N LEU A 48 -12.14 1.54 -19.17
CA LEU A 48 -12.78 0.85 -20.28
C LEU A 48 -13.70 1.77 -21.08
N MET A 49 -13.81 3.04 -20.69
CA MET A 49 -14.67 4.02 -21.37
C MET A 49 -16.12 3.57 -21.39
N VAL A 50 -16.60 3.01 -20.30
CA VAL A 50 -18.02 2.75 -20.10
C VAL A 50 -18.57 3.80 -19.15
N SER A 51 -19.83 4.17 -19.37
CA SER A 51 -20.47 5.21 -18.56
C SER A 51 -21.60 4.69 -17.70
N ALA A 52 -22.30 3.65 -18.15
CA ALA A 52 -23.43 3.08 -17.41
C ALA A 52 -23.65 1.66 -17.91
N PRO A 53 -24.31 0.82 -17.10
CA PRO A 53 -24.57 -0.56 -17.56
C PRO A 53 -25.62 -0.69 -18.65
N ASN A 54 -26.05 0.44 -19.22
CA ASN A 54 -27.04 0.40 -20.29
C ASN A 54 -26.43 0.58 -21.68
N ASN A 55 -25.19 1.06 -21.77
CA ASN A 55 -24.49 1.20 -23.06
C ASN A 55 -23.12 0.55 -22.94
N PRO A 56 -23.05 -0.78 -23.08
CA PRO A 56 -21.76 -1.47 -22.98
C PRO A 56 -20.84 -1.12 -24.14
N THR A 57 -19.54 -1.20 -23.88
CA THR A 57 -18.53 -0.77 -24.83
C THR A 57 -17.60 -1.93 -25.17
N VAL A 58 -16.98 -1.84 -26.35
CA VAL A 58 -16.08 -2.87 -26.86
C VAL A 58 -14.76 -2.22 -27.20
N SER A 59 -13.67 -2.78 -26.69
CA SER A 59 -12.32 -2.28 -26.98
C SER A 59 -11.43 -3.41 -27.47
N GLY A 60 -10.13 -3.15 -27.57
CA GLY A 60 -9.19 -4.15 -28.01
C GLY A 60 -9.00 -4.26 -29.50
N MET A 61 -9.57 -3.35 -30.28
CA MET A 61 -9.46 -3.41 -31.74
C MET A 61 -9.24 -2.06 -32.39
N SER A 62 -8.86 -1.02 -31.64
CA SER A 62 -8.74 0.33 -32.17
C SER A 62 -7.29 0.73 -32.43
N ASP A 63 -6.37 -0.23 -32.44
CA ASP A 63 -4.95 -0.08 -32.75
C ASP A 63 -4.17 0.74 -31.71
N MET A 64 -4.84 1.29 -30.70
CA MET A 64 -4.18 1.95 -29.59
C MET A 64 -4.47 1.30 -28.26
N ASP A 65 -5.28 0.22 -28.25
CA ASP A 65 -5.52 -0.51 -27.02
C ASP A 65 -4.28 -1.26 -26.57
N TYR A 66 -3.51 -1.79 -27.52
CA TYR A 66 -2.27 -2.51 -27.24
C TYR A 66 -1.16 -1.95 -28.14
N PRO A 67 -0.54 -0.84 -27.73
CA PRO A 67 0.58 -0.26 -28.49
C PRO A 67 1.79 -1.19 -28.54
N LEU A 79 10.66 -3.77 -23.25
CA LEU A 79 10.91 -3.78 -21.82
C LEU A 79 10.36 -5.05 -21.17
N PRO A 80 11.11 -5.63 -20.24
CA PRO A 80 10.66 -6.87 -19.58
C PRO A 80 9.52 -6.60 -18.62
N GLU A 81 8.32 -7.06 -18.98
CA GLU A 81 7.19 -6.94 -18.08
C GLU A 81 7.42 -7.75 -16.81
N ILE A 82 7.95 -8.96 -16.96
CA ILE A 82 8.49 -9.73 -15.84
C ILE A 82 9.89 -10.18 -16.22
N SER A 83 10.84 -10.04 -15.30
CA SER A 83 12.16 -10.65 -15.44
C SER A 83 12.44 -11.37 -14.13
N SER A 84 11.87 -12.57 -14.01
CA SER A 84 12.16 -13.48 -12.91
C SER A 84 11.75 -14.89 -13.31
N ILE A 85 12.69 -15.74 -13.71
CA ILE A 85 12.30 -17.10 -14.09
C ILE A 85 13.04 -18.08 -13.20
N ARG A 86 12.41 -18.49 -12.09
CA ARG A 86 13.04 -19.42 -11.17
C ARG A 86 12.31 -20.75 -11.22
N ARG A 87 12.93 -21.75 -11.85
CA ARG A 87 12.32 -23.06 -12.02
C ARG A 87 12.87 -24.01 -10.96
N VAL A 88 12.01 -24.43 -10.05
CA VAL A 88 12.35 -25.43 -9.04
C VAL A 88 11.71 -26.76 -9.48
N PRO A 89 12.50 -27.74 -9.90
CA PRO A 89 11.91 -28.99 -10.40
C PRO A 89 11.18 -29.76 -9.31
N LEU A 90 10.19 -30.54 -9.74
CA LEU A 90 9.51 -31.44 -8.83
C LEU A 90 10.51 -32.45 -8.27
N PRO A 91 10.48 -32.71 -6.96
CA PRO A 91 11.44 -33.67 -6.37
C PRO A 91 11.27 -35.06 -6.98
N PRO A 92 12.38 -35.77 -7.20
CA PRO A 92 12.29 -37.05 -7.92
C PRO A 92 11.47 -38.11 -7.20
N GLU A 93 11.35 -38.02 -5.88
CA GLU A 93 10.51 -38.95 -5.14
C GLU A 93 9.07 -38.87 -5.62
N LEU A 94 8.59 -37.65 -5.89
CA LEU A 94 7.25 -37.46 -6.41
C LEU A 94 7.14 -37.82 -7.88
N VAL A 95 8.20 -37.56 -8.67
CA VAL A 95 8.17 -37.87 -10.09
C VAL A 95 8.10 -39.38 -10.31
N GLU A 96 8.78 -40.15 -9.47
CA GLU A 96 8.73 -41.61 -9.59
C GLU A 96 7.31 -42.13 -9.39
N GLN A 97 6.59 -41.61 -8.40
CA GLN A 97 5.20 -42.02 -8.19
C GLN A 97 4.31 -41.49 -9.31
N PHE A 98 4.62 -40.30 -9.85
CA PHE A 98 3.85 -39.76 -10.97
C PHE A 98 4.00 -40.63 -12.21
N GLY A 99 5.17 -41.21 -12.42
CA GLY A 99 5.35 -42.11 -13.55
C GLY A 99 4.47 -43.34 -13.49
N HIS A 100 4.22 -43.85 -12.28
CA HIS A 100 3.35 -45.01 -12.10
C HIS A 100 1.91 -44.69 -12.47
N ASN A 104 -4.94 -40.91 -9.94
CA ASN A 104 -5.32 -39.53 -10.23
C ASN A 104 -4.09 -38.66 -10.35
N CYS A 105 -4.25 -37.49 -10.98
CA CYS A 105 -3.14 -36.56 -11.18
C CYS A 105 -3.59 -35.14 -10.86
N MET A 106 -4.30 -34.97 -9.76
CA MET A 106 -4.72 -33.63 -9.35
C MET A 106 -3.53 -32.85 -8.80
N MET A 107 -3.52 -31.55 -9.07
CA MET A 107 -2.43 -30.68 -8.68
C MET A 107 -3.01 -29.37 -8.18
N GLY A 108 -2.17 -28.56 -7.54
CA GLY A 108 -2.60 -27.28 -7.01
C GLY A 108 -1.52 -26.65 -6.18
N VAL A 109 -1.75 -25.38 -5.84
CA VAL A 109 -0.82 -24.61 -5.01
C VAL A 109 -1.59 -23.99 -3.86
N PHE A 110 -0.88 -23.76 -2.75
CA PHE A 110 -1.43 -23.15 -1.54
C PHE A 110 -0.59 -21.94 -1.20
N PRO A 111 -0.83 -20.80 -1.86
CA PRO A 111 -0.02 -19.60 -1.62
C PRO A 111 -0.05 -19.10 -0.17
N PRO A 112 -1.17 -19.20 0.57
CA PRO A 112 -1.11 -18.80 1.98
C PRO A 112 -0.10 -19.59 2.81
N ILE A 113 0.07 -20.88 2.53
CA ILE A 113 1.01 -21.69 3.30
C ILE A 113 2.32 -21.92 2.56
N SER A 114 2.39 -21.53 1.28
CA SER A 114 3.59 -21.65 0.46
C SER A 114 4.07 -23.10 0.35
N ARG A 115 3.12 -24.03 0.22
CA ARG A 115 3.42 -25.44 0.02
C ARG A 115 2.54 -25.96 -1.10
N ALA A 116 3.11 -26.07 -2.31
CA ALA A 116 2.39 -26.67 -3.42
C ALA A 116 2.22 -28.16 -3.19
N TRP A 117 1.05 -28.67 -3.56
CA TRP A 117 0.72 -30.07 -3.35
C TRP A 117 0.54 -30.77 -4.70
N LEU A 118 0.45 -32.09 -4.63
CA LEU A 118 0.19 -32.92 -5.80
C LEU A 118 -0.48 -34.20 -5.31
N THR A 119 -1.28 -34.80 -6.18
CA THR A 119 -2.08 -35.96 -5.82
C THR A 119 -1.87 -37.09 -6.81
N ILE A 120 -1.49 -38.25 -6.29
CA ILE A 120 -1.50 -39.50 -7.06
C ILE A 120 -2.32 -40.49 -6.24
N ASP A 121 -3.62 -40.54 -6.51
CA ASP A 121 -4.57 -41.42 -5.83
C ASP A 121 -4.48 -41.26 -4.30
N SER A 122 -4.80 -40.04 -3.85
CA SER A 122 -4.89 -39.67 -2.43
C SER A 122 -3.56 -39.70 -1.72
N ASP A 123 -2.47 -40.00 -2.42
CA ASP A 123 -1.13 -39.93 -1.84
C ASP A 123 -0.66 -38.48 -1.95
N ILE A 124 -1.34 -37.60 -1.21
CA ILE A 124 -1.15 -36.17 -1.35
C ILE A 124 0.13 -35.77 -0.64
N PHE A 125 1.08 -35.20 -1.38
CA PHE A 125 2.33 -34.71 -0.85
C PHE A 125 2.45 -33.22 -1.13
N MET A 126 2.69 -32.44 -0.09
CA MET A 126 2.85 -30.99 -0.19
C MET A 126 4.33 -30.66 -0.11
N TRP A 127 4.88 -30.15 -1.21
CA TRP A 127 6.26 -29.74 -1.25
C TRP A 127 6.36 -28.22 -1.36
N ASN A 128 7.42 -27.67 -0.77
CA ASN A 128 7.65 -26.23 -0.75
C ASN A 128 8.13 -25.81 -2.13
N TYR A 129 7.24 -25.18 -2.91
CA TYR A 129 7.56 -24.83 -4.28
C TYR A 129 8.66 -23.78 -4.37
N GLU A 130 8.98 -23.09 -3.26
CA GLU A 130 10.00 -22.07 -3.31
C GLU A 130 11.40 -22.68 -3.45
N ASP A 131 11.65 -23.81 -2.78
CA ASP A 131 12.96 -24.45 -2.82
C ASP A 131 12.90 -25.97 -2.98
N GLY A 132 11.72 -26.53 -3.26
CA GLY A 132 11.63 -27.95 -3.50
C GLY A 132 11.80 -28.83 -2.27
N GLY A 133 11.55 -28.29 -1.07
CA GLY A 133 11.75 -29.02 0.15
C GLY A 133 10.47 -29.23 0.94
N ASP A 134 10.64 -29.68 2.18
CA ASP A 134 9.56 -29.89 3.15
C ASP A 134 8.47 -30.81 2.59
N LEU A 135 8.88 -32.01 2.19
CA LEU A 135 7.92 -33.00 1.69
C LEU A 135 6.99 -33.44 2.82
N ALA A 136 5.69 -33.50 2.51
CA ALA A 136 4.68 -33.86 3.52
C ALA A 136 3.79 -34.94 2.94
N TYR A 137 4.17 -36.20 3.17
CA TYR A 137 3.40 -37.33 2.68
C TYR A 137 2.10 -37.49 3.47
N PHE A 138 1.05 -37.96 2.80
CA PHE A 138 -0.21 -38.27 3.47
C PHE A 138 -0.98 -39.25 2.59
N ASP A 139 -1.15 -40.48 3.06
CA ASP A 139 -2.02 -41.46 2.41
C ASP A 139 -2.81 -42.26 3.44
N GLY A 140 -3.38 -41.57 4.44
CA GLY A 140 -4.01 -42.29 5.54
C GLY A 140 -5.25 -43.05 5.13
N LEU A 141 -6.19 -42.36 4.48
CA LEU A 141 -7.48 -42.94 4.13
C LEU A 141 -7.41 -43.56 2.73
N SER A 142 -8.57 -43.92 2.17
CA SER A 142 -8.62 -44.61 0.89
C SER A 142 -8.20 -43.68 -0.24
N GLU A 143 -8.09 -44.25 -1.44
CA GLU A 143 -7.59 -43.52 -2.59
C GLU A 143 -8.73 -42.75 -3.26
N THR A 144 -8.42 -42.16 -4.42
CA THR A 144 -9.40 -41.48 -5.29
C THR A 144 -10.09 -40.33 -4.57
N ILE A 145 -9.29 -39.31 -4.24
CA ILE A 145 -9.86 -38.06 -3.75
C ILE A 145 -10.39 -37.25 -4.92
N LEU A 146 -11.50 -36.53 -4.69
CA LEU A 146 -12.17 -35.78 -5.72
C LEU A 146 -11.92 -34.28 -5.68
N ALA A 147 -11.57 -33.72 -4.52
CA ALA A 147 -11.30 -32.29 -4.46
C ALA A 147 -10.34 -31.97 -3.32
N VAL A 148 -9.53 -30.93 -3.51
CA VAL A 148 -8.56 -30.49 -2.52
C VAL A 148 -8.76 -28.99 -2.30
N GLY A 149 -8.86 -28.57 -1.05
CA GLY A 149 -9.01 -27.17 -0.74
C GLY A 149 -8.23 -26.78 0.50
N LEU A 150 -7.75 -25.53 0.50
CA LEU A 150 -7.11 -24.93 1.66
C LEU A 150 -8.00 -23.82 2.18
N VAL A 151 -8.35 -23.88 3.46
CA VAL A 151 -9.30 -22.96 4.07
C VAL A 151 -8.63 -22.26 5.25
N LYS A 152 -8.82 -20.94 5.34
CA LYS A 152 -8.42 -20.21 6.53
C LYS A 152 -9.55 -20.35 7.55
N PRO A 153 -9.31 -20.96 8.71
CA PRO A 153 -10.41 -21.31 9.60
C PRO A 153 -10.95 -20.10 10.34
N LYS A 154 -12.16 -20.27 10.88
CA LYS A 154 -12.74 -19.26 11.75
C LYS A 154 -11.88 -19.11 13.00
N ALA A 155 -11.53 -17.87 13.32
CA ALA A 155 -10.62 -17.62 14.44
C ALA A 155 -11.26 -17.88 15.79
N GLY A 156 -12.57 -18.09 15.86
CA GLY A 156 -13.25 -18.26 17.12
C GLY A 156 -13.02 -19.60 17.79
N ILE A 157 -13.52 -20.68 17.19
CA ILE A 157 -13.50 -21.99 17.83
C ILE A 157 -12.53 -22.91 17.09
N PHE A 158 -11.28 -22.94 17.55
CA PHE A 158 -10.26 -23.88 17.10
C PHE A 158 -9.04 -23.72 18.00
N GLN A 159 -8.19 -24.74 17.99
CA GLN A 159 -6.94 -24.66 18.73
C GLN A 159 -6.02 -23.63 18.08
N PRO A 160 -5.29 -22.84 18.86
CA PRO A 160 -4.44 -21.80 18.27
C PRO A 160 -3.30 -22.33 17.43
N HIS A 161 -2.89 -23.58 17.61
CA HIS A 161 -1.72 -24.08 16.89
C HIS A 161 -2.00 -24.35 15.42
N VAL A 162 -3.25 -24.57 15.04
CA VAL A 162 -3.58 -24.74 13.62
C VAL A 162 -3.75 -23.37 12.97
N ARG A 163 -3.26 -23.24 11.75
CA ARG A 163 -3.35 -22.01 10.99
C ARG A 163 -4.18 -22.14 9.73
N HIS A 164 -4.28 -23.35 9.18
CA HIS A 164 -5.07 -23.61 7.98
C HIS A 164 -5.78 -24.95 8.13
N LEU A 165 -6.71 -25.20 7.22
CA LEU A 165 -7.44 -26.45 7.14
C LEU A 165 -7.29 -27.04 5.76
N LEU A 166 -7.13 -28.35 5.69
CA LEU A 166 -7.11 -29.10 4.44
C LEU A 166 -8.44 -29.82 4.31
N VAL A 167 -9.15 -29.57 3.22
CA VAL A 167 -10.43 -30.20 2.96
C VAL A 167 -10.25 -31.13 1.78
N LEU A 168 -10.37 -32.43 2.01
CA LEU A 168 -10.25 -33.44 0.98
C LEU A 168 -11.61 -34.09 0.74
N ALA A 169 -12.01 -34.13 -0.52
CA ALA A 169 -13.32 -34.63 -0.92
C ALA A 169 -13.15 -35.91 -1.72
N THR A 170 -13.82 -36.96 -1.27
CA THR A 170 -13.84 -38.30 -1.86
C THR A 170 -15.28 -38.65 -2.21
N PRO A 171 -15.49 -39.63 -3.10
CA PRO A 171 -16.88 -40.01 -3.45
C PRO A 171 -17.70 -40.46 -2.27
N VAL A 172 -17.07 -41.01 -1.23
CA VAL A 172 -17.84 -41.50 -0.08
C VAL A 172 -18.07 -40.39 0.94
N ASP A 173 -17.05 -39.58 1.20
CA ASP A 173 -17.16 -38.56 2.24
C ASP A 173 -16.11 -37.48 2.02
N ILE A 174 -16.17 -36.45 2.86
CA ILE A 174 -15.22 -35.35 2.88
C ILE A 174 -14.60 -35.27 4.27
N VAL A 175 -13.28 -35.18 4.33
CA VAL A 175 -12.55 -35.14 5.58
C VAL A 175 -11.89 -33.76 5.71
N ILE A 176 -12.07 -33.13 6.87
CA ILE A 176 -11.44 -31.84 7.15
C ILE A 176 -10.36 -32.05 8.21
N LEU A 177 -9.13 -31.67 7.89
CA LEU A 177 -7.98 -31.90 8.76
C LEU A 177 -7.35 -30.56 9.12
N GLY A 178 -7.20 -30.31 10.42
CA GLY A 178 -6.53 -29.12 10.87
C GLY A 178 -5.02 -29.21 10.66
N LEU A 179 -4.40 -28.05 10.49
CA LEU A 179 -2.96 -27.98 10.28
C LEU A 179 -2.28 -27.17 11.38
N LEU A 206 -9.29 -33.87 12.02
CA LEU A 206 -10.44 -33.74 12.89
C LEU A 206 -11.46 -34.84 12.59
N TYR A 207 -12.71 -34.45 12.35
CA TYR A 207 -13.78 -35.38 12.03
C TYR A 207 -14.14 -35.26 10.55
N SER A 208 -15.01 -36.15 10.11
CA SER A 208 -15.39 -36.28 8.71
C SER A 208 -16.87 -36.00 8.52
N LEU A 209 -17.24 -35.73 7.27
CA LEU A 209 -18.63 -35.53 6.89
C LEU A 209 -18.94 -36.31 5.62
N PRO A 210 -20.07 -37.02 5.58
CA PRO A 210 -20.38 -37.83 4.40
C PRO A 210 -21.10 -37.05 3.31
N THR A 211 -20.77 -37.33 2.05
CA THR A 211 -21.50 -36.80 0.91
C THR A 211 -22.29 -37.94 0.26
N ASP A 212 -23.57 -37.70 0.01
CA ASP A 212 -24.46 -38.74 -0.49
C ASP A 212 -24.18 -38.95 -1.98
N ASN A 213 -23.01 -39.52 -2.26
CA ASN A 213 -22.59 -39.92 -3.61
C ASN A 213 -22.62 -38.75 -4.59
N THR A 214 -22.17 -37.59 -4.12
CA THR A 214 -22.06 -36.40 -4.96
C THR A 214 -20.62 -36.22 -5.38
N TYR A 215 -20.38 -36.11 -6.69
CA TYR A 215 -19.03 -36.00 -7.24
C TYR A 215 -18.60 -34.53 -7.22
N LEU A 216 -18.10 -34.10 -6.06
CA LEU A 216 -17.57 -32.75 -5.94
C LEU A 216 -16.33 -32.58 -6.80
N LEU A 217 -16.17 -31.40 -7.39
CA LEU A 217 -15.03 -31.11 -8.25
C LEU A 217 -14.17 -29.97 -7.75
N THR A 218 -14.75 -28.94 -7.13
CA THR A 218 -14.01 -27.77 -6.70
C THR A 218 -14.38 -27.40 -5.28
N ILE A 219 -13.39 -26.87 -4.56
CA ILE A 219 -13.55 -26.36 -3.19
C ILE A 219 -12.93 -24.98 -3.12
N THR A 220 -13.67 -24.02 -2.57
CA THR A 220 -13.18 -22.64 -2.46
C THR A 220 -13.59 -22.08 -1.10
N SER A 221 -12.70 -21.31 -0.49
CA SER A 221 -12.91 -20.77 0.84
C SER A 221 -13.03 -19.26 0.81
N THR A 222 -13.93 -18.73 1.64
CA THR A 222 -14.04 -17.30 1.86
C THR A 222 -13.02 -16.85 2.90
N ASP A 223 -12.86 -15.53 3.01
CA ASP A 223 -11.92 -14.98 3.99
C ASP A 223 -12.36 -15.25 5.42
N ASN A 224 -13.67 -15.35 5.66
CA ASN A 224 -14.19 -15.56 7.01
C ASN A 224 -14.46 -17.04 7.30
N GLY A 225 -13.90 -17.94 6.49
CA GLY A 225 -13.87 -19.35 6.83
C GLY A 225 -14.98 -20.21 6.26
N ARG A 226 -15.77 -19.70 5.33
CA ARG A 226 -16.87 -20.46 4.76
C ARG A 226 -16.37 -21.27 3.56
N ILE A 227 -16.63 -22.57 3.58
CA ILE A 227 -16.12 -23.50 2.57
C ILE A 227 -17.27 -23.87 1.64
N PHE A 228 -17.07 -23.65 0.34
CA PHE A 228 -18.07 -23.97 -0.66
C PHE A 228 -17.52 -25.02 -1.61
N LEU A 229 -18.28 -26.09 -1.81
CA LEU A 229 -17.92 -27.16 -2.71
C LEU A 229 -18.90 -27.18 -3.87
N ALA A 230 -18.44 -27.70 -5.01
CA ALA A 230 -19.29 -27.88 -6.16
C ALA A 230 -18.77 -29.05 -6.98
N GLY A 231 -19.64 -29.63 -7.79
CA GLY A 231 -19.27 -30.76 -8.61
C GLY A 231 -20.29 -31.11 -9.66
N LYS A 232 -20.33 -32.40 -10.02
CA LYS A 232 -21.18 -32.88 -11.10
C LYS A 232 -22.64 -33.01 -10.70
N ASP A 233 -22.98 -32.87 -9.43
CA ASP A 233 -24.37 -32.96 -9.01
C ASP A 233 -25.21 -31.81 -9.53
N GLY A 234 -24.58 -30.68 -9.87
CA GLY A 234 -25.29 -29.52 -10.35
C GLY A 234 -25.65 -28.51 -9.27
N CYS A 235 -25.56 -28.89 -8.00
CA CYS A 235 -25.85 -28.00 -6.89
C CYS A 235 -24.55 -27.56 -6.24
N LEU A 236 -24.59 -26.38 -5.63
CA LEU A 236 -23.46 -25.82 -4.90
C LEU A 236 -23.70 -25.96 -3.41
N TYR A 237 -22.75 -26.59 -2.71
CA TYR A 237 -22.91 -26.90 -1.30
C TYR A 237 -21.96 -26.07 -0.46
N GLU A 238 -22.28 -25.96 0.82
CA GLU A 238 -21.43 -25.30 1.80
C GLU A 238 -21.25 -26.21 3.00
N VAL A 239 -20.05 -26.18 3.57
CA VAL A 239 -19.73 -26.90 4.79
C VAL A 239 -19.83 -25.94 5.97
N ALA A 240 -20.73 -26.23 6.90
CA ALA A 240 -20.91 -25.44 8.11
C ALA A 240 -20.29 -26.21 9.28
N TYR A 241 -19.32 -25.58 9.95
CA TYR A 241 -18.62 -26.20 11.06
C TYR A 241 -18.50 -25.23 12.23
N CYS A 252 -20.77 -30.79 12.47
CA CYS A 252 -20.59 -30.25 11.13
C CYS A 252 -21.71 -30.72 10.21
N ARG A 253 -21.98 -29.95 9.15
CA ARG A 253 -23.07 -30.26 8.25
C ARG A 253 -22.75 -29.71 6.87
N LYS A 254 -23.44 -30.24 5.86
CA LYS A 254 -23.40 -29.70 4.51
C LYS A 254 -24.80 -29.21 4.12
N ILE A 255 -24.85 -28.10 3.41
CA ILE A 255 -26.10 -27.46 3.02
C ILE A 255 -26.07 -27.17 1.53
N ASN A 256 -27.15 -27.49 0.83
CA ASN A 256 -27.26 -27.27 -0.60
C ASN A 256 -27.90 -25.92 -0.87
N HIS A 257 -27.19 -25.06 -1.57
CA HIS A 257 -27.71 -23.75 -1.96
C HIS A 257 -28.23 -23.77 -3.39
N SER A 258 -29.26 -24.59 -3.60
CA SER A 258 -29.87 -24.74 -4.92
C SER A 258 -31.32 -25.17 -4.81
N ASP A 263 -27.54 -31.53 -13.74
CA ASP A 263 -27.15 -31.89 -15.10
C ASP A 263 -25.91 -31.11 -15.53
N ASP A 264 -25.68 -29.96 -14.90
CA ASP A 264 -24.58 -29.08 -15.27
C ASP A 264 -23.53 -29.07 -14.17
N PRO A 265 -22.38 -29.71 -14.35
CA PRO A 265 -21.32 -29.64 -13.33
C PRO A 265 -20.76 -28.22 -13.22
N ILE A 266 -20.53 -27.80 -11.98
CA ILE A 266 -19.88 -26.52 -11.72
C ILE A 266 -18.38 -26.75 -11.54
N LEU A 267 -17.58 -26.04 -12.31
CA LEU A 267 -16.13 -26.24 -12.33
C LEU A 267 -15.36 -25.28 -11.45
N GLN A 268 -15.81 -24.03 -11.34
CA GLN A 268 -15.07 -23.00 -10.62
C GLN A 268 -16.00 -22.24 -9.70
N ILE A 269 -15.49 -21.88 -8.53
CA ILE A 269 -16.16 -20.97 -7.59
C ILE A 269 -15.21 -19.82 -7.31
N ALA A 270 -15.69 -18.60 -7.50
CA ALA A 270 -14.91 -17.39 -7.26
C ALA A 270 -15.53 -16.61 -6.11
N ILE A 271 -14.68 -16.00 -5.29
CA ILE A 271 -15.11 -15.25 -4.12
C ILE A 271 -14.63 -13.82 -4.25
N ASP A 272 -15.56 -12.87 -4.08
CA ASP A 272 -15.23 -11.45 -3.97
C ASP A 272 -15.29 -11.11 -2.48
N ASN A 273 -14.11 -11.03 -1.85
CA ASN A 273 -14.07 -10.92 -0.39
C ASN A 273 -14.48 -9.53 0.08
N SER A 274 -14.22 -8.49 -0.72
CA SER A 274 -14.53 -7.13 -0.28
C SER A 274 -16.03 -6.87 -0.30
N ARG A 275 -16.70 -7.28 -1.38
CA ARG A 275 -18.13 -7.02 -1.54
C ARG A 275 -19.00 -8.23 -1.22
N ASN A 276 -18.40 -9.36 -0.85
CA ASN A 276 -19.12 -10.57 -0.47
C ASN A 276 -20.07 -11.05 -1.56
N ILE A 277 -19.49 -11.35 -2.73
CA ILE A 277 -20.21 -11.86 -3.88
C ILE A 277 -19.56 -13.18 -4.29
N LEU A 278 -20.38 -14.22 -4.46
CA LEU A 278 -19.91 -15.53 -4.88
C LEU A 278 -20.38 -15.79 -6.30
N TYR A 279 -19.47 -16.26 -7.15
CA TYR A 279 -19.76 -16.58 -8.53
C TYR A 279 -19.53 -18.07 -8.78
N THR A 280 -20.16 -18.58 -9.83
CA THR A 280 -19.97 -19.95 -10.28
C THR A 280 -19.75 -19.96 -11.78
N ARG A 281 -19.33 -21.12 -12.28
CA ARG A 281 -19.07 -21.30 -13.71
C ARG A 281 -19.36 -22.75 -14.05
N SER A 282 -20.55 -23.01 -14.59
CA SER A 282 -20.99 -24.36 -14.87
C SER A 282 -20.26 -24.94 -16.09
N GLU A 283 -20.46 -26.24 -16.30
CA GLU A 283 -19.80 -26.92 -17.43
C GLU A 283 -20.30 -26.39 -18.76
N LYS A 284 -21.61 -26.18 -18.90
CA LYS A 284 -22.15 -25.63 -20.13
C LYS A 284 -21.65 -24.21 -20.36
N GLY A 285 -21.59 -23.41 -19.30
CA GLY A 285 -21.15 -22.03 -19.40
C GLY A 285 -22.03 -21.07 -18.64
N VAL A 286 -23.00 -21.60 -17.90
CA VAL A 286 -23.94 -20.76 -17.16
C VAL A 286 -23.24 -20.19 -15.94
N ILE A 287 -23.31 -18.85 -15.80
CA ILE A 287 -22.71 -18.14 -14.68
C ILE A 287 -23.83 -17.67 -13.77
N GLN A 288 -23.72 -18.01 -12.48
CA GLN A 288 -24.73 -17.66 -11.49
C GLN A 288 -24.07 -16.82 -10.41
N VAL A 289 -24.64 -15.64 -10.15
CA VAL A 289 -24.13 -14.74 -9.12
C VAL A 289 -24.91 -14.94 -7.85
N TYR A 290 -24.19 -15.14 -6.75
CA TYR A 290 -24.79 -15.34 -5.43
C TYR A 290 -24.35 -14.22 -4.51
N ASP A 291 -25.29 -13.65 -3.77
CA ASP A 291 -25.02 -12.54 -2.87
C ASP A 291 -24.90 -13.05 -1.44
N LEU A 292 -23.74 -12.82 -0.83
CA LEU A 292 -23.53 -13.20 0.56
C LEU A 292 -24.06 -12.17 1.54
N GLY A 293 -24.39 -10.97 1.07
CA GLY A 293 -24.82 -9.90 1.95
C GLY A 293 -23.64 -9.17 2.57
N GLN A 294 -23.95 -8.08 3.28
CA GLN A 294 -22.91 -7.36 3.99
C GLN A 294 -22.33 -8.19 5.13
N ASP A 295 -23.17 -8.99 5.79
CA ASP A 295 -22.70 -9.87 6.85
C ASP A 295 -21.81 -10.97 6.28
N GLY A 296 -22.16 -11.50 5.12
CA GLY A 296 -21.43 -12.61 4.53
C GLY A 296 -22.05 -13.97 4.75
N GLN A 297 -23.26 -14.04 5.30
CA GLN A 297 -23.91 -15.31 5.60
C GLN A 297 -25.25 -15.46 4.88
N GLY A 298 -25.56 -14.58 3.93
CA GLY A 298 -26.86 -14.61 3.29
C GLY A 298 -27.04 -15.71 2.26
N MET A 299 -26.21 -15.67 1.21
CA MET A 299 -26.20 -16.68 0.15
C MET A 299 -27.56 -16.78 -0.55
N SER A 300 -27.92 -15.69 -1.22
CA SER A 300 -29.13 -15.63 -2.04
C SER A 300 -28.72 -15.47 -3.50
N ARG A 301 -29.31 -16.30 -4.37
CA ARG A 301 -28.99 -16.25 -5.80
C ARG A 301 -29.51 -14.95 -6.39
N VAL A 302 -28.59 -14.12 -6.88
CA VAL A 302 -28.97 -12.84 -7.47
C VAL A 302 -29.32 -12.99 -8.94
N ALA A 303 -28.56 -13.77 -9.69
CA ALA A 303 -28.76 -13.87 -11.13
C ALA A 303 -28.37 -15.26 -11.60
N SER A 304 -28.79 -15.58 -12.83
CA SER A 304 -28.42 -16.83 -13.47
C SER A 304 -28.47 -16.60 -14.97
N VAL A 305 -27.31 -16.41 -15.59
CA VAL A 305 -27.21 -16.04 -16.99
C VAL A 305 -26.69 -17.24 -17.77
N SER A 306 -27.45 -17.64 -18.79
CA SER A 306 -27.03 -18.74 -19.65
C SER A 306 -25.84 -18.32 -20.51
N GLN A 307 -25.12 -19.32 -21.02
CA GLN A 307 -23.98 -19.03 -21.89
C GLN A 307 -24.44 -18.46 -23.22
N ASN A 308 -25.59 -18.92 -23.73
CA ASN A 308 -26.11 -18.37 -24.98
C ASN A 308 -26.49 -16.90 -24.81
N ALA A 309 -27.01 -16.52 -23.64
CA ALA A 309 -27.30 -15.12 -23.39
C ALA A 309 -26.03 -14.28 -23.40
N ILE A 310 -24.95 -14.80 -22.79
CA ILE A 310 -23.68 -14.09 -22.80
C ILE A 310 -23.15 -13.95 -24.22
N VAL A 311 -23.25 -15.03 -25.01
CA VAL A 311 -22.76 -15.00 -26.39
C VAL A 311 -23.53 -13.98 -27.21
N SER A 312 -24.86 -13.98 -27.09
CA SER A 312 -25.69 -13.05 -27.85
C SER A 312 -25.44 -11.60 -27.42
N ALA A 313 -25.30 -11.36 -26.11
CA ALA A 313 -25.01 -10.02 -25.63
C ALA A 313 -23.66 -9.53 -26.12
N ALA A 314 -22.65 -10.38 -26.06
CA ALA A 314 -21.32 -9.99 -26.53
C ALA A 314 -21.31 -9.78 -28.03
N GLY A 315 -22.09 -10.56 -28.78
CA GLY A 315 -22.19 -10.33 -30.21
C GLY A 315 -22.87 -9.01 -30.54
N ASN A 316 -23.95 -8.68 -29.82
CA ASN A 316 -24.62 -7.40 -30.04
C ASN A 316 -23.71 -6.23 -29.68
N ILE A 317 -22.93 -6.36 -28.61
CA ILE A 317 -22.00 -5.30 -28.25
C ILE A 317 -20.88 -5.19 -29.27
N ALA A 318 -20.42 -6.32 -29.80
CA ALA A 318 -19.33 -6.31 -30.77
C ALA A 318 -19.84 -5.96 -32.17
N ARG A 319 -20.78 -6.75 -32.68
CA ARG A 319 -21.44 -6.57 -33.97
C ARG A 319 -20.50 -6.80 -35.15
N THR A 320 -19.23 -7.06 -34.88
CA THR A 320 -18.23 -7.30 -35.93
C THR A 320 -17.29 -8.45 -35.59
N ILE A 321 -17.56 -9.18 -34.51
CA ILE A 321 -16.68 -10.23 -34.01
C ILE A 321 -17.44 -11.55 -34.06
N ASP A 322 -16.79 -12.58 -34.59
CA ASP A 322 -17.40 -13.91 -34.63
C ASP A 322 -17.63 -14.42 -33.22
N ARG A 323 -18.81 -15.03 -33.01
CA ARG A 323 -19.21 -15.46 -31.68
C ARG A 323 -18.44 -16.66 -31.15
N SER A 324 -17.67 -17.35 -32.01
CA SER A 324 -16.92 -18.52 -31.58
C SER A 324 -15.87 -18.19 -30.54
N VAL A 325 -15.45 -16.92 -30.43
CA VAL A 325 -14.49 -16.53 -29.40
C VAL A 325 -15.16 -16.26 -28.05
N PHE A 326 -16.49 -16.13 -28.02
CA PHE A 326 -17.21 -15.85 -26.78
C PHE A 326 -17.61 -17.12 -26.04
N LYS A 327 -17.28 -18.30 -26.57
CA LYS A 327 -17.76 -19.56 -26.03
C LYS A 327 -16.76 -20.65 -26.42
N PRO A 328 -16.39 -21.55 -25.48
CA PRO A 328 -16.82 -21.60 -24.08
C PRO A 328 -16.03 -20.68 -23.16
N ILE A 329 -16.45 -20.60 -21.91
CA ILE A 329 -15.81 -19.79 -20.89
C ILE A 329 -14.86 -20.68 -20.10
N VAL A 330 -13.59 -20.28 -20.02
CA VAL A 330 -12.59 -21.12 -19.36
C VAL A 330 -12.19 -20.61 -17.98
N GLN A 331 -12.47 -19.35 -17.66
CA GLN A 331 -12.11 -18.83 -16.34
C GLN A 331 -13.04 -17.70 -15.97
N ILE A 332 -13.35 -17.58 -14.69
CA ILE A 332 -13.99 -16.39 -14.14
C ILE A 332 -13.16 -15.89 -12.97
N ALA A 333 -12.92 -14.59 -12.94
CA ALA A 333 -12.12 -13.96 -11.90
C ALA A 333 -12.90 -12.82 -11.28
N VAL A 334 -12.56 -12.50 -10.04
CA VAL A 334 -13.21 -11.43 -9.29
C VAL A 334 -12.38 -10.16 -9.46
N ILE A 335 -13.04 -9.07 -9.82
CA ILE A 335 -12.40 -7.76 -9.87
C ILE A 335 -12.64 -7.11 -8.51
N GLU A 336 -11.58 -6.93 -7.75
CA GLU A 336 -11.71 -6.51 -6.36
C GLU A 336 -12.17 -5.07 -6.27
N ASN A 337 -12.73 -4.73 -5.09
CA ASN A 337 -13.16 -3.36 -4.83
C ASN A 337 -11.97 -2.39 -4.80
N SER A 338 -10.76 -2.90 -4.62
CA SER A 338 -9.56 -2.08 -4.71
C SER A 338 -9.21 -1.72 -6.15
N GLU A 339 -9.86 -2.34 -7.14
CA GLU A 339 -9.60 -2.04 -8.54
C GLU A 339 -10.77 -1.36 -9.25
N SER A 340 -12.00 -1.67 -8.86
CA SER A 340 -13.15 -1.07 -9.50
C SER A 340 -14.32 -1.04 -8.54
N LEU A 341 -15.03 0.10 -8.50
CA LEU A 341 -16.30 0.20 -7.80
C LEU A 341 -17.49 -0.12 -8.68
N ASP A 342 -17.28 -0.29 -9.98
CA ASP A 342 -18.37 -0.47 -10.93
C ASP A 342 -18.37 -1.83 -11.60
N CYS A 343 -17.20 -2.41 -11.85
CA CYS A 343 -17.09 -3.74 -12.45
C CYS A 343 -16.67 -4.72 -11.36
N GLN A 344 -17.36 -5.85 -11.28
CA GLN A 344 -17.12 -6.82 -10.22
C GLN A 344 -16.84 -8.23 -10.71
N LEU A 345 -16.81 -8.47 -12.01
CA LEU A 345 -16.53 -9.81 -12.51
C LEU A 345 -15.82 -9.74 -13.85
N LEU A 346 -14.92 -10.69 -14.08
CA LEU A 346 -14.25 -10.84 -15.37
C LEU A 346 -14.43 -12.27 -15.84
N ALA A 347 -14.75 -12.44 -17.12
CA ALA A 347 -14.85 -13.76 -17.72
C ALA A 347 -13.81 -13.87 -18.81
N VAL A 348 -12.88 -14.80 -18.66
CA VAL A 348 -11.87 -15.08 -19.67
C VAL A 348 -12.31 -16.31 -20.42
N THR A 349 -12.58 -16.15 -21.71
CA THR A 349 -12.91 -17.25 -22.60
C THR A 349 -11.74 -17.55 -23.50
N HIS A 350 -11.78 -18.74 -24.11
CA HIS A 350 -10.73 -19.21 -25.01
C HIS A 350 -10.46 -18.19 -26.11
N ALA A 351 -9.26 -18.23 -26.67
CA ALA A 351 -8.67 -17.15 -27.47
C ALA A 351 -8.53 -15.87 -26.65
N GLY A 352 -8.52 -15.99 -25.32
CA GLY A 352 -8.19 -14.89 -24.43
C GLY A 352 -9.11 -13.69 -24.49
N VAL A 353 -10.42 -13.91 -24.48
CA VAL A 353 -11.39 -12.82 -24.57
C VAL A 353 -11.86 -12.46 -23.16
N ARG A 354 -11.75 -11.18 -22.82
CA ARG A 354 -12.12 -10.66 -21.51
C ARG A 354 -13.48 -9.99 -21.61
N LEU A 355 -14.47 -10.53 -20.90
CA LEU A 355 -15.80 -9.96 -20.81
C LEU A 355 -15.99 -9.39 -19.41
N TYR A 356 -16.26 -8.09 -19.32
CA TYR A 356 -16.37 -7.41 -18.04
C TYR A 356 -17.84 -7.37 -17.64
N PHE A 357 -18.13 -7.88 -16.43
CA PHE A 357 -19.49 -7.97 -15.91
C PHE A 357 -19.61 -7.12 -14.67
N SER A 358 -20.68 -6.32 -14.63
CA SER A 358 -21.06 -5.57 -13.45
C SER A 358 -22.24 -6.26 -12.79
N THR A 359 -22.16 -6.41 -11.46
CA THR A 359 -23.23 -7.01 -10.70
C THR A 359 -23.96 -6.02 -9.81
N CYS A 360 -23.39 -4.84 -9.59
CA CYS A 360 -23.93 -3.81 -8.73
C CYS A 360 -23.99 -2.49 -9.50
N PRO A 361 -24.84 -1.56 -9.07
CA PRO A 361 -24.91 -0.26 -9.75
C PRO A 361 -23.60 0.50 -9.67
N PHE A 362 -23.35 1.31 -10.68
CA PHE A 362 -22.08 2.02 -10.81
C PHE A 362 -21.87 3.00 -9.65
N ARG A 363 -20.63 3.04 -9.16
CA ARG A 363 -20.19 4.01 -8.15
C ARG A 363 -21.04 3.93 -6.87
N GLN A 364 -21.43 2.71 -6.51
CA GLN A 364 -22.20 2.48 -5.28
C GLN A 364 -21.48 1.39 -4.50
N PRO A 365 -20.53 1.76 -3.64
CA PRO A 365 -19.74 0.74 -2.93
C PRO A 365 -20.53 -0.12 -1.96
N LEU A 366 -21.71 0.31 -1.53
CA LEU A 366 -22.49 -0.44 -0.56
C LEU A 366 -23.70 -1.13 -1.15
N ALA A 367 -23.94 -0.99 -2.46
CA ALA A 367 -25.09 -1.62 -3.09
C ALA A 367 -24.82 -3.10 -3.31
N ARG A 368 -25.70 -3.94 -2.79
CA ARG A 368 -25.60 -5.37 -2.99
C ARG A 368 -25.92 -5.71 -4.45
N PRO A 369 -25.47 -6.87 -4.93
CA PRO A 369 -25.78 -7.26 -6.32
C PRO A 369 -27.28 -7.40 -6.55
N ASN A 370 -27.69 -7.06 -7.75
CA ASN A 370 -29.08 -7.15 -8.18
C ASN A 370 -29.25 -7.94 -9.47
N THR A 371 -28.31 -7.82 -10.41
CA THR A 371 -28.33 -8.59 -11.65
C THR A 371 -26.92 -8.61 -12.23
N LEU A 372 -26.68 -9.62 -13.06
CA LEU A 372 -25.37 -9.81 -13.71
C LEU A 372 -25.47 -9.29 -15.13
N THR A 373 -24.90 -8.10 -15.38
CA THR A 373 -24.94 -7.50 -16.70
C THR A 373 -23.53 -7.39 -17.27
N LEU A 374 -23.45 -7.37 -18.59
CA LEU A 374 -22.18 -7.26 -19.29
C LEU A 374 -22.00 -5.81 -19.74
N VAL A 375 -20.88 -5.20 -19.37
CA VAL A 375 -20.67 -3.79 -19.64
C VAL A 375 -19.54 -3.52 -20.60
N HIS A 376 -18.61 -4.45 -20.78
CA HIS A 376 -17.47 -4.20 -21.67
C HIS A 376 -16.98 -5.51 -22.24
N VAL A 377 -16.45 -5.44 -23.45
CA VAL A 377 -15.84 -6.57 -24.14
C VAL A 377 -14.46 -6.11 -24.59
N ARG A 378 -13.41 -6.57 -23.91
CA ARG A 378 -12.04 -6.24 -24.28
C ARG A 378 -11.39 -7.45 -24.94
N LEU A 379 -10.75 -7.21 -26.06
CA LEU A 379 -10.15 -8.23 -26.91
C LEU A 379 -8.70 -8.47 -26.53
N PRO A 380 -8.17 -9.64 -26.85
CA PRO A 380 -6.74 -9.91 -26.62
C PRO A 380 -5.89 -9.11 -27.60
N PRO A 381 -4.56 -9.08 -27.40
CA PRO A 381 -3.71 -8.27 -28.29
C PRO A 381 -3.77 -8.68 -29.75
N GLY A 382 -4.08 -9.94 -30.06
CA GLY A 382 -4.03 -10.38 -31.45
C GLY A 382 -5.21 -9.96 -32.30
N PHE A 383 -6.28 -9.47 -31.68
CA PHE A 383 -7.49 -9.14 -32.43
C PHE A 383 -7.35 -7.86 -33.25
N SER A 384 -6.45 -6.95 -32.87
CA SER A 384 -6.34 -5.68 -33.55
C SER A 384 -5.81 -5.88 -34.97
N ALA A 385 -6.30 -5.06 -35.90
CA ALA A 385 -5.92 -5.19 -37.30
C ALA A 385 -4.45 -4.85 -37.52
N SER A 386 -3.95 -3.83 -36.83
CA SER A 386 -2.55 -3.45 -36.96
C SER A 386 -1.61 -4.29 -36.10
N SER A 387 -2.14 -5.11 -35.20
CA SER A 387 -1.29 -5.89 -34.30
C SER A 387 -0.71 -7.10 -35.03
N THR A 388 0.60 -7.28 -34.88
CA THR A 388 1.31 -8.42 -35.45
C THR A 388 1.46 -9.57 -34.45
N VAL A 389 0.85 -9.45 -33.28
CA VAL A 389 0.96 -10.48 -32.26
C VAL A 389 -0.06 -11.57 -32.54
N GLU A 390 0.37 -12.82 -32.43
CA GLU A 390 -0.53 -13.95 -32.60
C GLU A 390 -1.54 -13.99 -31.45
N LYS A 391 -2.78 -14.33 -31.77
CA LYS A 391 -3.82 -14.42 -30.76
C LYS A 391 -3.53 -15.58 -29.81
N PRO A 392 -3.94 -15.46 -28.54
CA PRO A 392 -3.88 -16.61 -27.65
C PRO A 392 -4.79 -17.74 -28.14
N SER A 393 -4.39 -18.97 -27.86
CA SER A 393 -5.09 -20.14 -28.37
C SER A 393 -5.37 -21.11 -27.22
N LYS A 394 -6.62 -21.54 -27.13
CA LYS A 394 -7.13 -22.51 -26.15
C LYS A 394 -6.52 -22.31 -24.76
N VAL A 395 -6.70 -21.10 -24.23
CA VAL A 395 -6.28 -20.81 -22.87
C VAL A 395 -7.14 -21.62 -21.90
N HIS A 396 -6.48 -22.22 -20.90
CA HIS A 396 -7.17 -23.06 -19.94
C HIS A 396 -7.09 -22.56 -18.50
N ARG A 397 -6.14 -21.70 -18.17
CA ARG A 397 -6.06 -21.08 -16.86
C ARG A 397 -5.88 -19.58 -17.04
N ALA A 398 -6.38 -18.82 -16.07
CA ALA A 398 -6.19 -17.37 -16.08
C ALA A 398 -6.34 -16.84 -14.67
N LEU A 399 -5.70 -15.70 -14.44
CA LEU A 399 -5.87 -14.95 -13.20
C LEU A 399 -5.85 -13.47 -13.53
N TYR A 400 -6.58 -12.68 -12.74
CA TYR A 400 -6.61 -11.23 -12.89
C TYR A 400 -6.39 -10.61 -11.51
N SER A 401 -5.30 -9.87 -11.36
CA SER A 401 -4.94 -9.27 -10.08
C SER A 401 -4.39 -7.88 -10.33
N LYS A 402 -5.08 -6.87 -9.79
CA LYS A 402 -4.64 -5.47 -9.81
C LYS A 402 -4.33 -5.00 -11.23
N GLY A 403 -5.19 -5.37 -12.17
CA GLY A 403 -5.02 -4.98 -13.55
C GLY A 403 -4.05 -5.82 -14.35
N ILE A 404 -3.49 -6.88 -13.77
CA ILE A 404 -2.56 -7.75 -14.46
C ILE A 404 -3.28 -9.06 -14.74
N LEU A 405 -3.32 -9.44 -16.02
CA LEU A 405 -3.95 -10.68 -16.47
C LEU A 405 -2.84 -11.65 -16.85
N LEU A 406 -2.84 -12.82 -16.22
CA LEU A 406 -1.90 -13.89 -16.53
C LEU A 406 -2.71 -15.10 -16.98
N MET A 407 -2.58 -15.46 -18.25
CA MET A 407 -3.35 -16.58 -18.78
C MET A 407 -2.43 -17.58 -19.49
N ALA A 408 -2.72 -18.87 -19.27
CA ALA A 408 -1.89 -19.95 -19.79
C ALA A 408 -2.59 -20.58 -21.00
N ALA A 409 -1.99 -20.39 -22.17
CA ALA A 409 -2.45 -21.01 -23.40
C ALA A 409 -1.74 -22.34 -23.61
N SER A 410 -2.45 -23.26 -24.28
CA SER A 410 -1.92 -24.61 -24.55
C SER A 410 -1.25 -24.60 -25.91
N GLU A 411 0.08 -24.51 -25.92
CA GLU A 411 0.82 -24.60 -27.17
C GLU A 411 0.75 -26.01 -27.74
N ASN A 412 1.04 -27.01 -26.90
CA ASN A 412 1.01 -28.41 -27.29
C ASN A 412 0.40 -29.20 -26.14
N GLU A 413 0.55 -30.52 -26.19
CA GLU A 413 0.13 -31.35 -25.06
C GLU A 413 1.04 -31.17 -23.86
N ASP A 414 2.32 -30.87 -24.09
CA ASP A 414 3.31 -30.75 -23.03
C ASP A 414 3.65 -29.31 -22.69
N ASN A 415 3.98 -28.50 -23.69
CA ASN A 415 4.42 -27.13 -23.48
C ASN A 415 3.23 -26.23 -23.14
N ASP A 416 3.53 -24.96 -22.85
CA ASP A 416 2.51 -23.97 -22.53
C ASP A 416 3.07 -22.59 -22.87
N ILE A 417 2.15 -21.63 -22.98
CA ILE A 417 2.50 -20.23 -23.18
C ILE A 417 1.87 -19.42 -22.06
N LEU A 418 2.62 -18.47 -21.50
CA LEU A 418 2.12 -17.59 -20.46
C LEU A 418 1.97 -16.19 -21.03
N TRP A 419 0.77 -15.63 -20.93
CA TRP A 419 0.46 -14.28 -21.37
C TRP A 419 0.33 -13.38 -20.15
N CYS A 420 1.10 -12.30 -20.15
CA CYS A 420 1.02 -11.26 -19.13
C CYS A 420 0.59 -9.96 -19.79
N VAL A 421 -0.61 -9.49 -19.46
CA VAL A 421 -1.15 -8.25 -20.01
C VAL A 421 -1.40 -7.29 -18.86
N ASN A 422 -0.83 -6.09 -18.95
CA ASN A 422 -0.96 -5.15 -17.83
C ASN A 422 -0.97 -3.73 -18.35
N HIS A 423 -1.51 -2.82 -17.54
CA HIS A 423 -1.51 -1.39 -17.87
C HIS A 423 -0.79 -0.56 -16.80
N ASP A 424 0.13 -1.17 -16.07
CA ASP A 424 0.90 -0.43 -15.06
C ASP A 424 1.81 0.62 -15.68
N THR A 425 2.16 0.46 -16.95
CA THR A 425 2.97 1.48 -17.62
C THR A 425 2.16 2.73 -17.93
N PHE A 426 0.85 2.57 -18.16
CA PHE A 426 -0.05 3.69 -18.49
C PHE A 426 -1.21 3.66 -17.52
N PRO A 427 -1.02 4.18 -16.30
CA PRO A 427 -2.08 4.10 -15.28
C PRO A 427 -3.07 5.25 -15.29
N PHE A 428 -2.80 6.35 -15.98
CA PHE A 428 -3.66 7.52 -15.94
C PHE A 428 -4.40 7.79 -17.25
N GLN A 429 -4.09 7.07 -18.32
CA GLN A 429 -4.77 7.28 -19.59
C GLN A 429 -6.24 6.88 -19.47
N LYS A 430 -7.14 7.77 -19.90
CA LYS A 430 -8.57 7.50 -19.77
C LYS A 430 -9.02 6.29 -20.57
N PRO A 431 -8.65 6.11 -21.84
CA PRO A 431 -8.87 4.79 -22.46
C PRO A 431 -7.77 3.83 -22.06
N MET A 432 -8.15 2.57 -21.87
CA MET A 432 -7.20 1.58 -21.38
C MET A 432 -6.07 1.38 -22.38
N MET A 433 -4.83 1.39 -21.88
CA MET A 433 -3.62 1.31 -22.68
C MET A 433 -2.72 0.28 -22.03
N GLU A 434 -2.55 -0.87 -22.68
CA GLU A 434 -1.90 -2.01 -22.06
C GLU A 434 -0.68 -2.45 -22.88
N THR A 435 0.10 -3.32 -22.25
CA THR A 435 1.24 -3.99 -22.87
C THR A 435 1.19 -5.47 -22.52
N GLN A 436 1.65 -6.29 -23.46
CA GLN A 436 1.55 -7.73 -23.35
C GLN A 436 2.92 -8.38 -23.49
N MET A 437 3.06 -9.56 -22.90
CA MET A 437 4.28 -10.35 -22.96
C MET A 437 3.92 -11.83 -23.05
N THR A 438 4.65 -12.56 -23.89
CA THR A 438 4.47 -13.99 -24.06
C THR A 438 5.74 -14.70 -23.63
N ALA A 439 5.59 -15.73 -22.79
CA ALA A 439 6.73 -16.51 -22.32
C ALA A 439 6.41 -17.99 -22.49
N GLY A 440 7.21 -18.69 -23.30
CA GLY A 440 7.03 -20.11 -23.49
C GLY A 440 7.61 -20.89 -22.33
N VAL A 441 6.83 -21.81 -21.76
CA VAL A 441 7.26 -22.63 -20.64
C VAL A 441 6.96 -24.09 -20.97
N ASP A 442 7.56 -24.98 -20.19
CA ASP A 442 7.40 -26.42 -20.36
C ASP A 442 6.58 -26.98 -19.21
N GLY A 443 5.58 -27.81 -19.53
CA GLY A 443 4.72 -28.38 -18.53
C GLY A 443 3.31 -27.83 -18.57
N HIS A 444 2.32 -28.71 -18.63
CA HIS A 444 0.92 -28.28 -18.66
C HIS A 444 0.55 -27.64 -17.34
N SER A 445 -0.05 -26.45 -17.41
CA SER A 445 -0.34 -25.68 -16.21
C SER A 445 -1.54 -26.27 -15.48
N TRP A 446 -1.38 -26.50 -14.18
CA TRP A 446 -2.47 -26.95 -13.33
C TRP A 446 -2.78 -26.00 -12.19
N ALA A 447 -1.87 -25.09 -11.85
CA ALA A 447 -2.10 -24.16 -10.75
C ALA A 447 -1.28 -22.90 -11.02
N LEU A 448 -1.93 -21.86 -11.53
CA LEU A 448 -1.32 -20.56 -11.75
C LEU A 448 -1.94 -19.59 -10.75
N SER A 449 -1.17 -19.18 -9.74
CA SER A 449 -1.71 -18.37 -8.67
C SER A 449 -0.72 -17.30 -8.27
N ALA A 450 -1.18 -16.40 -7.40
CA ALA A 450 -0.38 -15.28 -6.92
C ALA A 450 0.13 -15.58 -5.52
N ILE A 451 1.41 -15.34 -5.29
CA ILE A 451 2.03 -15.59 -4.00
C ILE A 451 1.65 -14.50 -3.01
N LYS A 458 -2.31 2.47 3.12
CA LYS A 458 -2.45 3.92 3.12
C LYS A 458 -2.83 4.42 4.50
N ILE A 459 -2.43 5.65 4.81
CA ILE A 459 -2.71 6.28 6.09
C ILE A 459 -3.87 7.24 5.89
N ILE A 460 -4.98 6.97 6.57
CA ILE A 460 -6.22 7.71 6.39
C ILE A 460 -6.54 8.44 7.70
N THR A 461 -6.88 9.72 7.58
CA THR A 461 -7.18 10.59 8.70
C THR A 461 -8.52 11.28 8.47
N PRO A 462 -9.19 11.71 9.54
CA PRO A 462 -10.49 12.40 9.35
C PRO A 462 -10.39 13.69 8.55
N LEU A 463 -9.22 14.31 8.48
CA LEU A 463 -9.01 15.48 7.65
C LEU A 463 -8.70 15.13 6.20
N ASN A 464 -8.65 13.83 5.87
CA ASN A 464 -8.40 13.39 4.50
C ASN A 464 -9.43 12.40 3.98
N LYS A 465 -10.45 12.07 4.77
CA LYS A 465 -11.43 11.05 4.36
C LYS A 465 -12.13 11.41 3.07
N ASP A 466 -12.39 12.70 2.85
CA ASP A 466 -13.08 13.14 1.65
C ASP A 466 -12.16 13.31 0.44
N HIS A 467 -10.84 13.22 0.64
CA HIS A 467 -9.88 13.34 -0.44
C HIS A 467 -9.15 12.05 -0.75
N ILE A 468 -9.27 11.04 0.12
CA ILE A 468 -8.62 9.75 -0.08
C ILE A 468 -9.29 9.02 -1.23
N PRO A 469 -8.55 8.58 -2.25
CA PRO A 469 -9.15 7.73 -3.29
C PRO A 469 -9.53 6.39 -2.70
N ILE A 470 -10.76 5.94 -3.03
CA ILE A 470 -11.39 4.87 -2.27
C ILE A 470 -10.73 3.52 -2.52
N THR A 471 -10.46 3.20 -3.78
CA THR A 471 -10.17 1.80 -4.11
C THR A 471 -8.76 1.38 -3.72
N ASP A 472 -7.75 1.91 -4.43
CA ASP A 472 -6.35 1.60 -4.18
C ASP A 472 -5.46 2.41 -5.12
N SER A 473 -4.24 2.69 -4.72
CA SER A 473 -3.36 3.49 -5.55
C SER A 473 -2.69 2.63 -6.62
N PRO A 474 -2.33 3.23 -7.77
CA PRO A 474 -1.62 2.49 -8.80
C PRO A 474 -0.21 2.06 -8.38
N VAL A 475 0.48 1.35 -9.28
CA VAL A 475 1.78 0.78 -8.93
C VAL A 475 2.84 1.87 -8.78
N VAL A 476 2.85 2.84 -9.71
CA VAL A 476 3.88 3.87 -9.68
C VAL A 476 3.76 4.78 -8.47
N VAL A 477 2.60 4.82 -7.82
CA VAL A 477 2.43 5.68 -6.65
C VAL A 477 3.24 5.15 -5.47
N GLN A 478 3.23 3.84 -5.25
CA GLN A 478 3.87 3.25 -4.09
C GLN A 478 4.95 2.24 -4.48
N GLN A 479 5.60 2.45 -5.62
CA GLN A 479 6.66 1.54 -6.04
C GLN A 479 7.96 1.74 -5.29
N HIS A 480 8.13 2.87 -4.58
CA HIS A 480 9.36 3.10 -3.83
C HIS A 480 9.44 2.21 -2.59
N MET A 481 8.30 1.79 -2.06
CA MET A 481 8.29 1.02 -0.82
C MET A 481 7.55 -0.32 -0.92
N LEU A 482 6.94 -0.64 -2.07
CA LEU A 482 6.23 -1.90 -2.15
C LEU A 482 7.03 -2.92 -2.95
N PRO A 483 7.07 -4.17 -2.50
CA PRO A 483 7.77 -5.22 -3.25
C PRO A 483 6.98 -5.63 -4.48
N PRO A 484 7.63 -6.26 -5.45
CA PRO A 484 6.90 -6.75 -6.63
C PRO A 484 5.91 -7.85 -6.26
N LYS A 485 4.83 -7.92 -7.02
CA LYS A 485 3.83 -8.96 -6.82
C LYS A 485 4.33 -10.27 -7.41
N LYS A 486 4.23 -11.34 -6.62
CA LYS A 486 4.84 -12.62 -6.95
C LYS A 486 3.76 -13.63 -7.34
N PHE A 487 4.07 -14.45 -8.34
CA PHE A 487 3.19 -15.50 -8.80
C PHE A 487 3.95 -16.81 -8.96
N VAL A 488 3.23 -17.91 -8.79
CA VAL A 488 3.77 -19.26 -8.92
C VAL A 488 2.91 -20.04 -9.92
N LEU A 489 3.57 -20.69 -10.88
CA LEU A 489 2.93 -21.50 -11.90
C LEU A 489 3.45 -22.92 -11.76
N LEU A 490 2.57 -23.86 -11.42
CA LEU A 490 2.97 -25.23 -11.13
C LEU A 490 2.56 -26.15 -12.27
N SER A 491 3.51 -26.98 -12.72
CA SER A 491 3.24 -27.96 -13.77
C SER A 491 3.82 -29.31 -13.37
N ALA A 492 3.81 -30.26 -14.29
CA ALA A 492 4.35 -31.59 -13.99
C ALA A 492 5.86 -31.55 -13.81
N GLN A 493 6.55 -30.75 -14.63
CA GLN A 493 8.01 -30.69 -14.55
C GLN A 493 8.47 -30.04 -13.25
N GLY A 494 7.79 -28.99 -12.82
CA GLY A 494 8.16 -28.32 -11.58
C GLY A 494 7.57 -26.94 -11.52
N SER A 495 7.77 -26.31 -10.36
CA SER A 495 7.20 -24.99 -10.13
C SER A 495 8.06 -23.91 -10.79
N LEU A 496 7.39 -22.84 -11.20
CA LEU A 496 8.04 -21.65 -11.71
C LEU A 496 7.62 -20.47 -10.86
N MET A 497 8.60 -19.74 -10.34
CA MET A 497 8.37 -18.52 -9.57
C MET A 497 8.75 -17.33 -10.43
N PHE A 498 7.85 -16.35 -10.50
CA PHE A 498 8.10 -15.11 -11.22
C PHE A 498 7.46 -13.98 -10.44
N HIS A 499 7.86 -12.75 -10.75
CA HIS A 499 7.20 -11.59 -10.16
C HIS A 499 7.10 -10.49 -11.20
N LYS A 500 6.08 -9.64 -11.03
CA LYS A 500 5.82 -8.55 -11.95
C LYS A 500 6.81 -7.41 -11.69
N LEU A 501 7.51 -7.00 -12.74
CA LEU A 501 8.50 -5.94 -12.59
C LEU A 501 7.81 -4.59 -12.41
N ARG A 502 8.08 -3.94 -11.29
CA ARG A 502 7.71 -2.55 -11.11
C ARG A 502 8.51 -1.68 -12.09
N PRO A 503 8.00 -0.49 -12.41
CA PRO A 503 8.79 0.41 -13.29
C PRO A 503 10.16 0.73 -12.74
N VAL A 504 10.30 0.79 -11.41
CA VAL A 504 11.61 0.95 -10.80
C VAL A 504 12.48 -0.27 -11.07
N ASP A 505 11.89 -1.46 -11.02
CA ASP A 505 12.64 -2.68 -11.35
C ASP A 505 13.05 -2.70 -12.81
N GLN A 506 12.17 -2.24 -13.69
CA GLN A 506 12.52 -2.17 -15.11
C GLN A 506 13.65 -1.19 -15.36
N LEU A 507 13.62 -0.05 -14.67
CA LEU A 507 14.72 0.90 -14.78
C LEU A 507 16.02 0.33 -14.23
N ARG A 508 15.93 -0.41 -13.12
CA ARG A 508 17.12 -1.06 -12.57
C ARG A 508 17.70 -2.08 -13.54
N HIS A 509 16.83 -2.87 -14.16
CA HIS A 509 17.27 -3.84 -15.16
C HIS A 509 17.92 -3.15 -16.35
N LEU A 510 17.35 -2.03 -16.78
CA LEU A 510 17.94 -1.27 -17.88
C LEU A 510 19.30 -0.70 -17.51
N LEU A 511 19.43 -0.20 -16.27
CA LEU A 511 20.70 0.37 -15.84
C LEU A 511 21.78 -0.68 -15.70
N VAL A 512 21.44 -1.83 -15.12
CA VAL A 512 22.42 -2.90 -14.94
C VAL A 512 22.80 -3.51 -16.28
N SER A 513 21.82 -3.74 -17.16
CA SER A 513 22.09 -4.31 -18.48
C SER A 513 22.97 -3.36 -19.30
N ASN A 514 22.67 -2.07 -19.26
CA ASN A 514 23.51 -1.10 -19.94
C ASN A 514 24.82 -0.91 -19.17
N VAL A 515 25.82 -0.36 -19.85
CA VAL A 515 27.16 -0.19 -19.28
C VAL A 515 27.11 0.76 -18.09
N GLY A 516 26.39 1.87 -18.23
CA GLY A 516 26.33 2.86 -17.18
C GLY A 516 24.92 3.32 -16.88
N GLY A 517 24.73 4.63 -16.80
CA GLY A 517 23.42 5.20 -16.51
C GLY A 517 22.92 6.09 -17.61
N ASP A 518 23.34 5.83 -18.85
CA ASP A 518 22.88 6.57 -20.00
C ASP A 518 23.03 5.71 -21.24
N GLY A 519 22.32 6.08 -22.30
CA GLY A 519 22.35 5.32 -23.54
C GLY A 519 21.10 5.46 -24.37
N GLU A 520 20.51 4.34 -24.77
CA GLU A 520 19.34 4.33 -25.63
C GLU A 520 18.10 3.74 -24.98
N GLU A 521 18.25 2.66 -24.21
CA GLU A 521 17.12 2.06 -23.51
C GLU A 521 16.59 2.92 -22.38
N ILE A 522 17.45 3.74 -21.76
CA ILE A 522 17.02 4.63 -20.70
C ILE A 522 16.16 5.77 -21.28
N GLU A 523 16.54 6.25 -22.45
CA GLU A 523 15.80 7.31 -23.13
C GLU A 523 14.40 6.84 -23.49
N ARG A 524 14.28 5.59 -23.98
CA ARG A 524 12.97 5.06 -24.30
C ARG A 524 12.12 4.86 -23.04
N PHE A 525 12.74 4.51 -21.92
CA PHE A 525 12.02 4.42 -20.66
C PHE A 525 11.50 5.79 -20.23
N PHE A 526 12.33 6.81 -20.35
CA PHE A 526 11.91 8.15 -19.96
C PHE A 526 10.94 8.77 -20.96
N LYS A 527 10.87 8.23 -22.17
CA LYS A 527 9.91 8.72 -23.15
C LYS A 527 8.57 8.00 -23.02
N LEU A 528 8.58 6.71 -22.72
CA LEU A 528 7.35 5.94 -22.59
C LEU A 528 6.52 6.45 -21.41
N HIS A 529 7.14 6.53 -20.24
CA HIS A 529 6.53 7.26 -19.13
C HIS A 529 6.71 8.75 -19.36
N GLN A 530 5.93 9.54 -18.62
CA GLN A 530 6.14 10.98 -18.64
C GLN A 530 7.45 11.32 -17.93
N GLU A 531 8.00 12.49 -18.28
CA GLU A 531 9.27 12.91 -17.70
C GLU A 531 9.17 13.04 -16.18
N ASP A 532 8.01 13.48 -15.68
CA ASP A 532 7.83 13.60 -14.24
C ASP A 532 7.83 12.23 -13.56
N GLN A 533 7.06 11.28 -14.10
CA GLN A 533 7.00 9.95 -13.52
C GLN A 533 8.33 9.21 -13.68
N ALA A 534 8.97 9.37 -14.83
CA ALA A 534 10.26 8.73 -15.05
C ALA A 534 11.33 9.29 -14.12
N CYS A 535 11.32 10.61 -13.89
CA CYS A 535 12.28 11.19 -12.95
C CYS A 535 11.97 10.79 -11.52
N ALA A 536 10.69 10.61 -11.18
CA ALA A 536 10.35 10.10 -9.86
C ALA A 536 10.90 8.69 -9.66
N THR A 537 10.76 7.83 -10.67
CA THR A 537 11.32 6.48 -10.61
C THR A 537 12.85 6.52 -10.50
N CYS A 538 13.48 7.40 -11.29
CA CYS A 538 14.93 7.54 -11.24
C CYS A 538 15.39 8.01 -9.87
N LEU A 539 14.63 8.90 -9.23
CA LEU A 539 14.97 9.34 -7.88
C LEU A 539 14.78 8.21 -6.87
N ILE A 540 13.76 7.37 -7.07
CA ILE A 540 13.59 6.18 -6.22
C ILE A 540 14.84 5.31 -6.28
N LEU A 541 15.39 5.13 -7.48
CA LEU A 541 16.60 4.33 -7.61
C LEU A 541 17.86 5.06 -7.15
N ALA A 542 17.90 6.39 -7.26
CA ALA A 542 19.10 7.15 -6.98
C ALA A 542 19.25 7.55 -5.52
N CYS A 543 18.17 7.57 -4.76
CA CYS A 543 18.22 7.86 -3.34
C CYS A 543 18.41 6.60 -2.49
N SER A 544 18.74 5.48 -3.11
CA SER A 544 18.96 4.24 -2.39
C SER A 544 20.29 4.29 -1.67
N THR A 545 20.29 3.93 -0.40
CA THR A 545 21.51 3.93 0.41
C THR A 545 21.53 2.75 1.37
N ASP A 549 24.28 -1.53 -5.41
CA ASP A 549 24.27 -0.61 -4.27
C ASP A 549 24.69 0.79 -4.69
N ARG A 550 26.00 1.06 -4.67
CA ARG A 550 26.48 2.38 -5.05
C ARG A 550 26.49 2.56 -6.57
N GLU A 551 26.79 1.50 -7.31
CA GLU A 551 26.85 1.60 -8.77
C GLU A 551 25.48 1.94 -9.35
N VAL A 552 24.44 1.25 -8.88
CA VAL A 552 23.09 1.54 -9.38
C VAL A 552 22.64 2.93 -8.95
N SER A 553 23.03 3.37 -7.76
CA SER A 553 22.67 4.71 -7.31
C SER A 553 23.31 5.78 -8.18
N ALA A 554 24.60 5.62 -8.50
CA ALA A 554 25.28 6.58 -9.37
C ALA A 554 24.71 6.57 -10.78
N TRP A 555 24.41 5.37 -11.31
CA TRP A 555 23.82 5.27 -12.64
C TRP A 555 22.44 5.91 -12.68
N ALA A 556 21.63 5.68 -11.64
CA ALA A 556 20.31 6.29 -11.57
C ALA A 556 20.40 7.80 -11.45
N THR A 557 21.36 8.31 -10.69
CA THR A 557 21.55 9.75 -10.60
C THR A 557 21.94 10.35 -11.95
N ARG A 558 22.83 9.67 -12.68
CA ARG A 558 23.21 10.16 -14.01
C ARG A 558 22.01 10.12 -14.97
N ALA A 559 21.20 9.06 -14.91
CA ALA A 559 20.03 8.98 -15.77
C ALA A 559 18.99 10.03 -15.41
N PHE A 560 18.86 10.34 -14.12
CA PHE A 560 17.94 11.40 -13.69
C PHE A 560 18.41 12.75 -14.21
N PHE A 561 19.70 13.04 -14.11
CA PHE A 561 20.19 14.34 -14.53
C PHE A 561 20.43 14.45 -16.03
N ARG A 562 20.34 13.35 -16.78
CA ARG A 562 20.53 13.39 -18.22
C ARG A 562 19.23 13.36 -19.00
N TYR A 563 18.20 12.69 -18.49
CA TYR A 563 16.93 12.56 -19.21
C TYR A 563 15.78 13.14 -18.40
N SER A 647 12.75 21.46 -16.25
CA SER A 647 11.55 21.49 -15.44
C SER A 647 11.03 20.08 -15.18
N GLY A 648 11.45 19.15 -16.03
CA GLY A 648 11.10 17.75 -15.80
C GLY A 648 11.71 17.21 -14.52
N LYS A 649 12.96 17.59 -14.23
CA LYS A 649 13.58 17.23 -12.97
C LYS A 649 12.85 17.83 -11.79
N HIS A 650 12.40 19.09 -11.93
CA HIS A 650 11.67 19.75 -10.85
C HIS A 650 10.36 19.03 -10.55
N ASN A 651 9.60 18.69 -11.59
CA ASN A 651 8.35 17.96 -11.38
C ASN A 651 8.61 16.56 -10.86
N GLY A 652 9.68 15.92 -11.31
CA GLY A 652 10.02 14.61 -10.78
C GLY A 652 10.36 14.66 -9.30
N ILE A 653 11.11 15.68 -8.88
CA ILE A 653 11.43 15.85 -7.46
C ILE A 653 10.17 16.10 -6.66
N CYS A 654 9.28 16.94 -7.19
CA CYS A 654 8.02 17.21 -6.47
C CYS A 654 7.19 15.95 -6.34
N ILE A 655 7.08 15.17 -7.42
CA ILE A 655 6.28 13.94 -7.37
C ILE A 655 6.89 12.93 -6.43
N TYR A 656 8.23 12.77 -6.46
CA TYR A 656 8.87 11.82 -5.58
C TYR A 656 8.73 12.23 -4.12
N PHE A 657 8.83 13.53 -3.83
CA PHE A 657 8.65 13.99 -2.46
C PHE A 657 7.21 13.81 -2.00
N SER A 658 6.25 14.02 -2.90
CA SER A 658 4.85 13.77 -2.56
C SER A 658 4.59 12.29 -2.32
N ARG A 659 5.22 11.41 -3.10
CA ARG A 659 5.03 9.98 -2.93
C ARG A 659 5.73 9.46 -1.67
N ILE A 660 6.84 10.09 -1.28
CA ILE A 660 7.45 9.77 0.01
C ILE A 660 6.50 10.10 1.14
N MET A 661 5.97 11.33 1.13
CA MET A 661 5.03 11.75 2.16
C MET A 661 3.70 11.02 2.02
N GLY A 662 3.21 10.91 0.78
CA GLY A 662 1.97 10.18 0.56
C GLY A 662 0.77 10.92 1.11
N ASN A 663 -0.07 10.19 1.85
CA ASN A 663 -1.29 10.76 2.39
C ASN A 663 -1.05 11.43 3.74
N ILE A 664 0.20 11.59 4.13
CA ILE A 664 0.55 12.24 5.38
C ILE A 664 0.69 13.75 5.23
N TRP A 665 0.99 14.24 4.02
CA TRP A 665 1.16 15.68 3.81
C TRP A 665 -0.13 16.43 4.10
N ASP A 666 -1.28 15.88 3.72
CA ASP A 666 -2.58 16.48 4.00
C ASP A 666 -3.22 15.90 5.26
N ALA A 667 -2.53 15.04 5.98
CA ALA A 667 -3.10 14.40 7.16
C ALA A 667 -2.73 15.16 8.43
N SER A 668 -3.65 15.13 9.39
CA SER A 668 -3.35 15.66 10.71
C SER A 668 -2.34 14.77 11.42
N LEU A 669 -1.49 15.39 12.22
CA LEU A 669 -0.48 14.66 12.97
C LEU A 669 -1.04 14.00 14.23
N VAL A 670 -2.36 14.02 14.40
CA VAL A 670 -2.99 13.50 15.60
C VAL A 670 -4.31 12.85 15.20
N VAL A 671 -4.57 11.66 15.71
CA VAL A 671 -5.84 10.97 15.54
C VAL A 671 -6.36 10.59 16.92
N GLU A 672 -7.59 10.98 17.23
CA GLU A 672 -8.18 10.72 18.53
C GLU A 672 -8.45 9.24 18.72
N ARG A 673 -8.33 8.78 19.96
CA ARG A 673 -8.57 7.39 20.30
C ARG A 673 -9.29 7.27 21.64
N ALA A 684 -5.93 7.79 24.20
CA ALA A 684 -6.32 9.19 24.30
C ALA A 684 -5.99 9.94 23.00
N ILE A 685 -4.81 10.56 22.96
CA ILE A 685 -4.35 11.31 21.81
C ILE A 685 -3.00 10.72 21.41
N GLU A 686 -2.91 10.17 20.20
CA GLU A 686 -1.72 9.47 19.75
C GLU A 686 -1.37 9.89 18.33
N SER A 687 -0.16 9.54 17.91
CA SER A 687 0.31 9.88 16.57
C SER A 687 -0.39 9.02 15.53
N SER A 688 -0.68 9.64 14.38
CA SER A 688 -1.36 8.92 13.31
C SER A 688 -0.44 7.90 12.65
N VAL A 689 0.77 8.30 12.32
CA VAL A 689 1.70 7.43 11.62
C VAL A 689 2.37 6.49 12.62
N PRO A 690 2.44 5.19 12.34
CA PRO A 690 3.19 4.29 13.22
C PRO A 690 4.68 4.60 13.20
N CYS A 691 5.37 4.15 14.26
CA CYS A 691 6.77 4.48 14.43
C CYS A 691 7.63 3.89 13.32
N GLN A 692 7.37 2.63 12.94
CA GLN A 692 8.18 1.99 11.91
C GLN A 692 7.93 2.60 10.54
N LEU A 693 6.67 2.90 10.22
CA LEU A 693 6.37 3.58 8.96
C LEU A 693 6.98 4.96 8.92
N LEU A 694 6.92 5.68 10.05
CA LEU A 694 7.53 7.00 10.14
C LEU A 694 9.04 6.92 9.95
N GLU A 695 9.68 5.88 10.52
CA GLU A 695 11.12 5.71 10.37
C GLU A 695 11.49 5.39 8.93
N SER A 696 10.68 4.56 8.25
CA SER A 696 10.95 4.27 6.85
C SER A 696 10.81 5.52 5.99
N VAL A 697 9.76 6.31 6.23
CA VAL A 697 9.59 7.57 5.51
C VAL A 697 10.75 8.52 5.81
N LEU A 698 11.21 8.52 7.06
CA LEU A 698 12.33 9.38 7.45
C LEU A 698 13.61 8.96 6.75
N GLN A 699 13.85 7.66 6.61
CA GLN A 699 15.04 7.19 5.90
C GLN A 699 14.96 7.53 4.41
N GLU A 700 13.78 7.38 3.81
CA GLU A 700 13.62 7.75 2.40
C GLU A 700 13.85 9.24 2.21
N LEU A 701 13.31 10.07 3.11
CA LEU A 701 13.51 11.50 3.03
C LEU A 701 14.96 11.89 3.31
N LYS A 702 15.65 11.15 4.18
CA LYS A 702 17.06 11.40 4.41
C LYS A 702 17.87 11.11 3.15
N GLY A 703 17.53 10.02 2.45
CA GLY A 703 18.16 9.76 1.17
C GLY A 703 17.90 10.86 0.16
N LEU A 704 16.66 11.35 0.10
CA LEU A 704 16.33 12.44 -0.82
C LEU A 704 17.09 13.72 -0.47
N GLN A 705 17.17 14.05 0.83
CA GLN A 705 17.89 15.24 1.26
C GLN A 705 19.38 15.14 0.97
N GLU A 706 19.96 13.96 1.21
CA GLU A 706 21.37 13.75 0.87
C GLU A 706 21.59 13.85 -0.63
N PHE A 707 20.65 13.37 -1.43
CA PHE A 707 20.74 13.53 -2.88
C PHE A 707 20.73 15.00 -3.26
N LEU A 708 19.82 15.78 -2.66
CA LEU A 708 19.72 17.20 -3.00
C LEU A 708 20.96 17.96 -2.55
N ASP A 709 21.50 17.64 -1.38
CA ASP A 709 22.69 18.34 -0.89
C ASP A 709 23.91 18.02 -1.75
N ARG A 710 24.05 16.78 -2.21
CA ARG A 710 25.18 16.43 -3.06
C ARG A 710 25.10 17.15 -4.42
N ASN A 711 23.90 17.44 -4.90
CA ASN A 711 23.73 18.09 -6.19
C ASN A 711 23.09 19.46 -6.02
N GLU A 761 13.62 28.26 -12.59
CA GLU A 761 13.20 27.16 -11.72
C GLU A 761 14.13 27.03 -10.52
N LYS A 762 15.27 27.74 -10.58
CA LYS A 762 16.27 27.61 -9.54
C LYS A 762 15.75 28.08 -8.18
N ILE A 763 15.03 29.21 -8.16
CA ILE A 763 14.46 29.70 -6.91
C ILE A 763 13.40 28.73 -6.39
N SER A 764 12.53 28.25 -7.28
CA SER A 764 11.50 27.29 -6.88
C SER A 764 12.13 25.99 -6.39
N LEU A 765 13.15 25.50 -7.09
CA LEU A 765 13.80 24.25 -6.68
C LEU A 765 14.52 24.41 -5.35
N GLN A 766 15.15 25.56 -5.12
CA GLN A 766 15.80 25.81 -3.83
C GLN A 766 14.77 25.91 -2.71
N ALA A 767 13.62 26.53 -2.99
CA ALA A 767 12.55 26.58 -2.00
C ALA A 767 12.02 25.18 -1.69
N ILE A 768 11.91 24.34 -2.70
CA ILE A 768 11.45 22.97 -2.49
C ILE A 768 12.48 22.16 -1.71
N GLN A 769 13.77 22.41 -1.98
CA GLN A 769 14.82 21.75 -1.20
C GLN A 769 14.77 22.17 0.27
N GLN A 770 14.55 23.47 0.52
CA GLN A 770 14.39 23.93 1.89
C GLN A 770 13.15 23.33 2.54
N LEU A 771 12.07 23.19 1.78
CA LEU A 771 10.87 22.53 2.29
C LEU A 771 11.15 21.07 2.62
N VAL A 772 11.93 20.39 1.79
CA VAL A 772 12.29 19.00 2.03
C VAL A 772 13.11 18.87 3.31
N ARG A 773 14.09 19.76 3.49
CA ARG A 773 14.89 19.74 4.71
C ARG A 773 14.06 20.05 5.94
N LYS A 774 13.18 21.05 5.86
CA LYS A 774 12.33 21.40 6.98
C LYS A 774 11.38 20.27 7.34
N SER A 775 10.80 19.61 6.32
CA SER A 775 9.91 18.49 6.57
C SER A 775 10.66 17.29 7.11
N TYR A 776 11.91 17.08 6.68
CA TYR A 776 12.71 16.01 7.24
C TYR A 776 12.99 16.27 8.72
N GLN A 777 13.33 17.50 9.08
CA GLN A 777 13.54 17.84 10.48
C GLN A 777 12.25 17.70 11.28
N ALA A 778 11.11 18.10 10.70
CA ALA A 778 9.84 17.92 11.38
C ALA A 778 9.51 16.45 11.57
N LEU A 779 9.82 15.61 10.58
CA LEU A 779 9.59 14.17 10.72
C LEU A 779 10.51 13.54 11.75
N ALA A 780 11.76 14.02 11.83
CA ALA A 780 12.66 13.54 12.88
C ALA A 780 12.16 13.94 14.25
N LEU A 781 11.65 15.17 14.38
CA LEU A 781 11.06 15.62 15.64
C LEU A 781 9.84 14.78 15.99
N TRP A 782 9.01 14.47 15.00
CA TRP A 782 7.84 13.62 15.21
C TRP A 782 8.26 12.22 15.64
N LYS A 783 9.29 11.66 15.02
CA LYS A 783 9.78 10.34 15.38
C LYS A 783 10.31 10.31 16.80
N LEU A 784 11.07 11.33 17.19
CA LEU A 784 11.59 11.39 18.56
C LEU A 784 10.48 11.65 19.58
N LEU A 785 9.43 12.35 19.17
CA LEU A 785 8.26 12.48 20.03
C LEU A 785 7.55 11.15 20.20
N CYS A 786 7.48 10.36 19.13
CA CYS A 786 6.89 9.02 19.23
C CYS A 786 7.74 8.10 20.09
N GLU A 787 9.06 8.27 20.05
CA GLU A 787 9.94 7.50 20.93
C GLU A 787 9.67 7.82 22.38
N HIS A 788 9.47 9.09 22.70
CA HIS A 788 9.08 9.51 24.04
C HIS A 788 7.56 9.30 24.21
N GLN A 789 7.02 9.69 25.35
CA GLN A 789 5.59 9.56 25.57
C GLN A 789 4.84 10.61 24.77
N PHE A 790 4.40 10.23 23.57
CA PHE A 790 3.69 11.18 22.70
C PHE A 790 2.38 11.64 23.33
N THR A 791 1.67 10.72 24.00
CA THR A 791 0.43 11.08 24.68
C THR A 791 0.68 12.11 25.76
N ILE A 792 1.74 11.93 26.55
CA ILE A 792 2.06 12.89 27.60
C ILE A 792 2.48 14.23 27.01
N ILE A 793 3.27 14.20 25.94
CA ILE A 793 3.76 15.45 25.34
C ILE A 793 2.60 16.26 24.78
N VAL A 794 1.68 15.60 24.07
CA VAL A 794 0.54 16.31 23.51
C VAL A 794 -0.42 16.76 24.60
N ALA A 795 -0.66 15.90 25.59
CA ALA A 795 -1.59 16.23 26.67
C ALA A 795 -1.09 17.40 27.49
N GLU A 796 0.21 17.43 27.79
CA GLU A 796 0.80 18.51 28.59
C GLU A 796 1.04 19.71 27.67
N LEU A 797 -0.06 20.38 27.32
CA LEU A 797 -0.01 21.57 26.48
C LEU A 797 -1.30 22.35 26.70
N GLN A 798 -1.27 23.63 26.34
CA GLN A 798 -2.46 24.46 26.46
C GLN A 798 -3.53 23.99 25.50
N LYS A 799 -4.79 24.12 25.92
CA LYS A 799 -5.90 23.49 25.19
C LYS A 799 -6.07 24.08 23.80
N GLU A 800 -5.84 25.40 23.67
CA GLU A 800 -6.00 26.03 22.36
C GLU A 800 -5.02 25.48 21.34
N LEU A 801 -3.76 25.29 21.74
CA LEU A 801 -2.78 24.73 20.82
C LEU A 801 -3.07 23.27 20.51
N GLN A 802 -3.59 22.51 21.48
CA GLN A 802 -3.97 21.13 21.20
C GLN A 802 -5.12 21.06 20.20
N GLU A 803 -6.12 21.93 20.36
CA GLU A 803 -7.22 21.96 19.40
C GLU A 803 -6.77 22.45 18.03
N GLN A 804 -5.80 23.36 17.97
CA GLN A 804 -5.20 23.73 16.71
C GLN A 804 -4.48 22.55 16.09
N LEU A 805 -3.78 21.75 16.91
CA LEU A 805 -3.10 20.56 16.43
C LEU A 805 -4.09 19.52 15.91
N LYS A 806 -5.32 19.53 16.43
CA LYS A 806 -6.32 18.57 15.97
C LYS A 806 -6.64 18.77 14.49
N ILE A 807 -6.74 20.02 14.04
CA ILE A 807 -7.21 20.31 12.68
C ILE A 807 -6.13 21.01 11.87
N THR A 808 -4.86 20.70 12.13
CA THR A 808 -3.76 21.15 11.30
C THR A 808 -3.09 19.95 10.65
N THR A 809 -2.51 20.18 9.48
CA THR A 809 -1.87 19.13 8.72
C THR A 809 -0.36 19.17 8.87
N PHE A 810 0.31 18.17 8.31
CA PHE A 810 1.77 18.21 8.21
C PHE A 810 2.20 19.38 7.35
N LYS A 811 1.45 19.66 6.29
CA LYS A 811 1.73 20.81 5.43
C LYS A 811 1.69 22.10 6.23
N ASP A 812 0.65 22.28 7.04
CA ASP A 812 0.51 23.52 7.81
C ASP A 812 1.49 23.57 8.98
N LEU A 813 1.77 22.43 9.61
CA LEU A 813 2.73 22.41 10.71
C LEU A 813 4.14 22.75 10.21
N VAL A 814 4.52 22.21 9.06
CA VAL A 814 5.82 22.53 8.49
C VAL A 814 5.86 23.97 7.98
N ILE A 815 4.81 24.40 7.30
CA ILE A 815 4.84 25.67 6.58
C ILE A 815 4.13 26.77 7.36
N ARG A 816 2.82 26.60 7.58
CA ARG A 816 2.02 27.68 8.15
C ARG A 816 2.32 27.88 9.63
N ASP A 817 2.49 26.79 10.37
CA ASP A 817 2.65 26.89 11.82
C ASP A 817 4.07 27.26 12.19
N LYS A 818 4.20 28.13 13.21
CA LYS A 818 5.49 28.46 13.79
C LYS A 818 5.43 28.48 15.31
N GLU A 819 4.38 27.88 15.89
CA GLU A 819 4.18 27.91 17.33
C GLU A 819 4.04 26.51 17.90
N LEU A 820 3.38 25.62 17.15
CA LEU A 820 3.12 24.27 17.66
C LEU A 820 4.40 23.45 17.76
N THR A 821 5.37 23.68 16.85
CA THR A 821 6.64 22.96 16.95
C THR A 821 7.38 23.34 18.22
N GLY A 822 7.45 24.64 18.51
CA GLY A 822 8.09 25.07 19.75
C GLY A 822 7.35 24.61 20.98
N ALA A 823 6.01 24.56 20.90
CA ALA A 823 5.22 24.04 22.01
C ALA A 823 5.51 22.57 22.26
N LEU A 824 5.60 21.77 21.19
CA LEU A 824 5.92 20.36 21.34
C LEU A 824 7.33 20.16 21.89
N ILE A 825 8.29 20.97 21.42
CA ILE A 825 9.65 20.88 21.94
C ILE A 825 9.67 21.23 23.43
N ALA A 826 8.96 22.29 23.82
CA ALA A 826 8.91 22.67 25.22
C ALA A 826 8.27 21.59 26.07
N SER A 827 7.19 20.96 25.58
CA SER A 827 6.55 19.88 26.31
C SER A 827 7.48 18.68 26.45
N LEU A 828 8.22 18.36 25.39
CA LEU A 828 9.18 17.26 25.45
C LEU A 828 10.28 17.54 26.47
N ILE A 829 10.82 18.75 26.46
CA ILE A 829 11.90 19.09 27.39
C ILE A 829 11.38 19.11 28.82
N ASN A 830 10.16 19.62 29.03
CA ASN A 830 9.57 19.62 30.36
C ASN A 830 9.34 18.19 30.86
N CYS A 831 8.87 17.30 29.98
CA CYS A 831 8.71 15.90 30.36
C CYS A 831 10.05 15.27 30.70
N TYR A 832 11.09 15.61 29.96
CA TYR A 832 12.42 15.07 30.23
C TYR A 832 12.96 15.55 31.57
N ILE A 833 12.75 16.82 31.90
CA ILE A 833 13.34 17.36 33.13
C ILE A 833 12.48 17.02 34.34
N ARG A 834 11.19 16.76 34.15
CA ARG A 834 10.35 16.32 35.26
C ARG A 834 10.69 14.90 35.71
N ASP A 835 11.45 14.17 34.92
CA ASP A 835 12.01 12.88 35.32
C ASP A 835 13.29 13.05 36.13
N ASN A 836 13.63 14.28 36.50
CA ASN A 836 14.85 14.61 37.25
C ASN A 836 16.09 14.10 36.52
N ALA A 837 16.19 14.47 35.25
CA ALA A 837 17.32 14.09 34.41
C ALA A 837 17.98 15.33 33.82
N ALA A 838 19.26 15.20 33.49
CA ALA A 838 19.99 16.30 32.87
C ALA A 838 19.46 16.57 31.47
N VAL A 839 19.22 17.86 31.17
CA VAL A 839 18.69 18.26 29.88
C VAL A 839 19.79 18.41 28.84
N ASP A 840 21.06 18.29 29.23
CA ASP A 840 22.17 18.54 28.33
C ASP A 840 22.26 17.51 27.20
N GLY A 841 21.69 16.33 27.39
CA GLY A 841 21.70 15.32 26.35
C GLY A 841 20.61 15.51 25.34
N ILE A 842 19.37 15.63 25.81
CA ILE A 842 18.24 15.81 24.91
C ILE A 842 18.32 17.16 24.20
N SER A 843 18.81 18.20 24.86
CA SER A 843 18.99 19.49 24.21
C SER A 843 20.03 19.40 23.09
N LEU A 844 21.14 18.71 23.35
CA LEU A 844 22.15 18.52 22.31
C LEU A 844 21.58 17.72 21.14
N HIS A 845 20.80 16.68 21.43
CA HIS A 845 20.19 15.89 20.35
C HIS A 845 19.23 16.72 19.53
N LEU A 846 18.39 17.54 20.19
CA LEU A 846 17.45 18.39 19.47
C LEU A 846 18.17 19.43 18.62
N GLN A 847 19.25 20.02 19.16
CA GLN A 847 20.01 20.98 18.39
C GLN A 847 20.73 20.31 17.22
N ASP A 848 21.11 19.04 17.37
CA ASP A 848 21.78 18.33 16.30
C ASP A 848 20.83 17.93 15.18
N ILE A 849 19.61 17.50 15.52
CA ILE A 849 18.72 16.94 14.51
C ILE A 849 17.61 17.90 14.08
N CYS A 850 17.36 18.98 14.83
CA CYS A 850 16.37 19.99 14.46
C CYS A 850 16.94 21.39 14.62
N PRO A 851 17.94 21.76 13.81
CA PRO A 851 18.49 23.11 13.93
C PRO A 851 17.49 24.21 13.63
N LEU A 852 16.55 23.98 12.71
CA LEU A 852 15.58 25.01 12.36
C LEU A 852 14.53 25.17 13.45
N LEU A 853 14.04 24.06 14.00
CA LEU A 853 13.03 24.12 15.04
C LEU A 853 13.60 24.36 16.43
N TYR A 854 14.92 24.27 16.58
CA TYR A 854 15.56 24.41 17.90
C TYR A 854 16.90 25.13 17.69
N SER A 855 16.98 26.35 18.17
CA SER A 855 18.20 27.15 18.05
C SER A 855 18.97 27.15 19.37
N THR A 856 20.12 27.81 19.35
CA THR A 856 20.91 27.98 20.57
C THR A 856 20.14 28.81 21.60
N ASP A 857 19.30 29.73 21.14
CA ASP A 857 18.42 30.47 22.03
C ASP A 857 17.51 29.52 22.80
N ASP A 858 16.92 28.55 22.09
CA ASP A 858 16.10 27.55 22.76
C ASP A 858 16.93 26.72 23.72
N ALA A 859 18.20 26.46 23.39
CA ALA A 859 19.07 25.67 24.26
C ALA A 859 19.32 26.39 25.58
N ILE A 860 19.70 27.67 25.51
CA ILE A 860 19.99 28.41 26.74
C ILE A 860 18.71 28.65 27.53
N CYS A 861 17.58 28.86 26.83
CA CYS A 861 16.30 28.98 27.53
C CYS A 861 15.96 27.69 28.28
N SER A 862 16.18 26.54 27.63
CA SER A 862 15.90 25.27 28.29
C SER A 862 16.81 25.05 29.48
N LYS A 863 18.09 25.40 29.35
CA LYS A 863 19.01 25.25 30.47
C LYS A 863 18.63 26.13 31.65
N ALA A 864 18.28 27.39 31.37
CA ALA A 864 17.88 28.30 32.44
C ALA A 864 16.58 27.86 33.09
N ASN A 865 15.62 27.40 32.29
CA ASN A 865 14.37 26.89 32.85
C ASN A 865 14.61 25.65 33.70
N GLU A 866 15.53 24.77 33.27
CA GLU A 866 15.87 23.61 34.07
C GLU A 866 16.48 24.02 35.40
N LEU A 867 17.39 25.01 35.38
CA LEU A 867 17.98 25.49 36.62
C LEU A 867 16.92 26.08 37.55
N LEU A 868 16.00 26.86 36.99
CA LEU A 868 14.94 27.45 37.81
C LEU A 868 14.02 26.38 38.40
N GLN A 869 13.69 25.36 37.62
CA GLN A 869 12.81 24.30 38.11
C GLN A 869 13.49 23.40 39.13
N ARG A 870 14.79 23.14 38.97
CA ARG A 870 15.53 22.32 39.93
C ARG A 870 16.04 23.13 41.11
N SER A 871 15.86 24.46 41.09
CA SER A 871 16.19 25.30 42.24
C SER A 871 14.99 25.55 43.14
N ARG A 872 13.94 24.73 43.04
CA ARG A 872 12.76 24.82 43.90
C ARG A 872 12.80 23.80 45.02
N GLN A 873 13.99 23.49 45.53
CA GLN A 873 14.16 22.54 46.62
C GLN A 873 14.97 23.19 47.72
N VAL A 874 14.73 22.78 48.97
CA VAL A 874 15.26 23.48 50.13
C VAL A 874 16.39 22.67 50.76
N GLN A 875 17.13 21.93 49.95
CA GLN A 875 18.23 21.13 50.47
C GLN A 875 19.31 22.00 51.11
N ASN A 876 19.66 23.11 50.48
CA ASN A 876 20.70 23.98 50.98
C ASN A 876 20.51 25.40 50.46
N LYS A 877 20.79 26.38 51.32
CA LYS A 877 20.67 27.78 50.94
C LYS A 877 21.79 28.24 50.03
N THR A 878 23.04 27.87 50.32
CA THR A 878 24.17 28.26 49.50
C THR A 878 24.16 27.56 48.14
N GLU A 879 23.54 26.39 48.07
CA GLU A 879 23.37 25.70 46.79
C GLU A 879 22.52 26.52 45.83
N LYS A 880 21.48 27.17 46.35
CA LYS A 880 20.63 28.03 45.52
C LYS A 880 21.36 29.24 44.95
N GLU A 881 22.35 29.77 45.66
CA GLU A 881 22.97 31.03 45.24
C GLU A 881 23.69 30.87 43.90
N ARG A 882 24.58 29.87 43.80
CA ARG A 882 25.33 29.68 42.56
C ARG A 882 24.42 29.25 41.42
N MET A 883 23.44 28.40 41.71
CA MET A 883 22.52 27.92 40.67
C MET A 883 21.69 29.06 40.11
N LEU A 884 21.12 29.89 40.99
CA LEU A 884 20.34 31.03 40.52
C LEU A 884 21.22 32.05 39.83
N ARG A 885 22.46 32.22 40.29
CA ARG A 885 23.37 33.16 39.64
C ARG A 885 23.71 32.72 38.23
N GLU A 886 24.00 31.43 38.03
CA GLU A 886 24.34 30.96 36.69
C GLU A 886 23.10 30.96 35.79
N SER A 887 21.92 30.66 36.34
CA SER A 887 20.70 30.76 35.56
C SER A 887 20.42 32.21 35.15
N LEU A 888 20.66 33.15 36.05
CA LEU A 888 20.51 34.57 35.70
C LEU A 888 21.50 34.97 34.62
N LYS A 889 22.74 34.46 34.71
CA LYS A 889 23.75 34.75 33.70
C LYS A 889 23.32 34.21 32.34
N GLU A 890 22.70 33.02 32.33
CA GLU A 890 22.14 32.49 31.08
C GLU A 890 21.01 33.39 30.58
N TYR A 891 20.14 33.85 31.48
CA TYR A 891 19.01 34.69 31.09
C TYR A 891 19.44 36.09 30.64
N GLN A 892 20.64 36.54 31.00
CA GLN A 892 21.08 37.89 30.62
C GLN A 892 21.13 38.07 29.11
N LYS A 893 21.61 37.05 28.39
CA LYS A 893 21.80 37.14 26.95
C LYS A 893 20.59 36.68 26.16
N ILE A 894 19.47 36.41 26.83
CA ILE A 894 18.28 35.90 26.16
C ILE A 894 17.06 36.71 26.56
N SER A 895 17.27 37.71 27.43
CA SER A 895 16.16 38.50 27.93
C SER A 895 15.44 39.27 26.83
N ASN A 896 16.17 39.68 25.79
CA ASN A 896 15.56 40.41 24.69
C ASN A 896 14.59 39.54 23.90
N GLN A 897 14.95 38.28 23.67
CA GLN A 897 14.23 37.47 22.69
C GLN A 897 12.90 36.95 23.25
N VAL A 898 12.96 36.08 24.25
CA VAL A 898 11.79 35.33 24.68
C VAL A 898 11.50 35.58 26.16
N ASP A 899 10.24 35.36 26.53
CA ASP A 899 9.71 35.28 27.90
C ASP A 899 10.32 36.27 28.90
N LEU A 900 10.22 37.56 28.61
CA LEU A 900 10.66 38.56 29.59
C LEU A 900 9.67 38.64 30.75
N SER A 901 8.37 38.70 30.45
CA SER A 901 7.36 38.80 31.49
C SER A 901 6.94 37.45 32.06
N ASN A 902 7.48 36.35 31.53
CA ASN A 902 7.09 35.01 31.96
C ASN A 902 8.01 34.46 33.03
N VAL A 903 9.33 34.54 32.80
CA VAL A 903 10.27 33.96 33.76
C VAL A 903 10.41 34.81 35.01
N CYS A 904 10.04 36.09 34.95
CA CYS A 904 10.06 36.92 36.16
C CYS A 904 9.00 36.47 37.16
N ALA A 905 7.90 35.89 36.68
CA ALA A 905 6.87 35.37 37.58
C ALA A 905 7.42 34.26 38.45
N GLN A 906 8.04 33.24 37.85
CA GLN A 906 8.64 32.17 38.64
C GLN A 906 9.88 32.66 39.39
N TYR A 907 10.56 33.68 38.87
CA TYR A 907 11.67 34.29 39.60
C TYR A 907 11.20 34.87 40.93
N ARG A 908 10.07 35.56 40.92
CA ARG A 908 9.49 36.08 42.16
C ARG A 908 8.86 34.97 42.99
N GLN A 909 8.40 33.91 42.34
CA GLN A 909 7.80 32.78 43.06
C GLN A 909 8.86 32.01 43.85
N VAL A 910 10.10 31.99 43.37
CA VAL A 910 11.17 31.26 44.06
C VAL A 910 11.89 32.20 45.00
N ARG A 911 11.27 33.35 45.29
CA ARG A 911 11.77 34.33 46.25
C ARG A 911 13.15 34.86 45.83
N PHE A 912 13.20 35.35 44.60
CA PHE A 912 14.41 35.90 44.01
C PHE A 912 14.14 37.28 43.43
N TYR A 913 13.49 38.15 44.21
CA TYR A 913 13.21 39.51 43.77
C TYR A 913 14.49 40.27 43.39
N GLU A 914 15.60 39.98 44.10
CA GLU A 914 16.88 40.52 43.69
C GLU A 914 17.23 40.10 42.26
N GLY A 915 16.87 38.88 41.88
CA GLY A 915 17.07 38.43 40.52
C GLY A 915 16.12 39.07 39.53
N VAL A 916 14.88 39.32 39.97
CA VAL A 916 13.89 39.95 39.09
C VAL A 916 14.33 41.36 38.73
N VAL A 917 14.82 42.11 39.72
CA VAL A 917 15.29 43.48 39.47
C VAL A 917 16.44 43.47 38.47
N GLU A 918 17.40 42.57 38.68
CA GLU A 918 18.56 42.50 37.79
C GLU A 918 18.16 42.08 36.38
N LEU A 919 17.26 41.11 36.25
CA LEU A 919 16.83 40.65 34.93
C LEU A 919 16.06 41.74 34.19
N SER A 920 15.18 42.46 34.89
CA SER A 920 14.45 43.53 34.23
C SER A 920 15.35 44.71 33.88
N LEU A 921 16.36 44.98 34.72
CA LEU A 921 17.35 46.00 34.36
C LEU A 921 18.13 45.59 33.11
N THR A 922 18.49 44.31 33.02
CA THR A 922 19.17 43.82 31.81
C THR A 922 18.26 43.96 30.59
N ALA A 923 16.98 43.64 30.75
CA ALA A 923 16.02 43.79 29.65
C ALA A 923 15.92 45.24 29.21
N ALA A 924 15.84 46.17 30.17
CA ALA A 924 15.77 47.58 29.83
C ALA A 924 17.03 48.06 29.13
N GLU A 925 18.20 47.60 29.60
CA GLU A 925 19.47 48.08 29.05
C GLU A 925 19.77 47.48 27.68
N LYS A 926 19.30 46.26 27.40
CA LYS A 926 19.63 45.60 26.13
C LYS A 926 18.53 45.73 25.09
N LYS A 927 17.26 45.62 25.50
CA LYS A 927 16.15 45.72 24.54
C LYS A 927 16.07 47.10 23.92
N ASP A 928 16.25 48.15 24.73
CA ASP A 928 16.12 49.54 24.28
C ASP A 928 17.35 50.32 24.72
N PRO A 929 18.48 50.17 24.02
CA PRO A 929 19.70 50.89 24.37
C PRO A 929 19.57 52.40 24.18
N ALA A 951 11.68 52.94 21.75
CA ALA A 951 12.95 53.09 22.46
C ALA A 951 12.73 53.57 23.88
N PHE A 952 12.49 54.88 24.03
CA PHE A 952 12.28 55.46 25.35
C PHE A 952 10.99 54.92 25.99
N GLN A 953 9.91 54.85 25.21
CA GLN A 953 8.65 54.34 25.74
C GLN A 953 8.76 52.87 26.11
N GLU A 954 9.47 52.08 25.30
CA GLU A 954 9.64 50.66 25.62
C GLU A 954 10.56 50.47 26.82
N ARG A 955 11.58 51.30 26.97
CA ARG A 955 12.42 51.23 28.16
C ARG A 955 11.65 51.59 29.41
N LEU A 956 10.75 52.59 29.32
CA LEU A 956 9.90 52.92 30.44
C LEU A 956 8.92 51.79 30.74
N ASN A 957 8.44 51.11 29.70
CA ASN A 957 7.60 49.93 29.89
C ASN A 957 8.35 48.83 30.64
N SER A 958 9.63 48.64 30.30
CA SER A 958 10.46 47.67 31.00
C SER A 958 10.65 48.08 32.47
N TYR A 959 10.92 49.36 32.72
CA TYR A 959 11.04 49.87 34.08
C TYR A 959 9.74 49.74 34.86
N LYS A 960 8.59 49.71 34.17
CA LYS A 960 7.33 49.44 34.84
C LYS A 960 7.32 48.06 35.49
N CYS A 961 8.01 47.09 34.88
CA CYS A 961 8.14 45.78 35.52
C CYS A 961 8.96 45.86 36.80
N ILE A 962 10.02 46.67 36.79
CA ILE A 962 10.80 46.89 38.01
C ILE A 962 9.95 47.52 39.09
N THR A 963 9.14 48.52 38.72
CA THR A 963 8.26 49.16 39.69
C THR A 963 7.23 48.18 40.25
N ASP A 964 6.66 47.34 39.37
CA ASP A 964 5.68 46.36 39.82
C ASP A 964 6.31 45.34 40.75
N THR A 965 7.51 44.88 40.44
CA THR A 965 8.20 43.95 41.33
C THR A 965 8.55 44.59 42.66
N LEU A 966 8.97 45.86 42.65
CA LEU A 966 9.29 46.56 43.89
C LEU A 966 8.05 46.72 44.76
N GLN A 967 6.91 47.04 44.15
CA GLN A 967 5.66 47.14 44.90
C GLN A 967 5.10 45.78 45.27
N GLU A 968 5.54 44.71 44.63
CA GLU A 968 5.05 43.36 44.93
C GLU A 968 5.58 42.87 46.27
#